data_4O58
#
_entry.id   4O58
#
_cell.length_a   99.101
_cell.length_b   99.101
_cell.length_c   336.650
_cell.angle_alpha   90.00
_cell.angle_beta   90.00
_cell.angle_gamma   120.00
#
_symmetry.space_group_name_H-M   'P 3 2 1'
#
loop_
_entity.id
_entity.type
_entity.pdbx_description
1 polymer 'Hemagglutinin HA1 chain'
2 polymer 'Hemagglutinin HA2 chain'
3 polymer 'Fab F045-092 light chain'
4 polymer 'Fab F045-092 heavy chain'
5 branched 2-acetamido-2-deoxy-beta-D-glucopyranose-(1-4)-2-acetamido-2-deoxy-beta-D-glucopyranose
6 branched alpha-D-mannopyranose-(1-3)-[alpha-D-mannopyranose-(1-6)]beta-D-mannopyranose-(1-4)-2-acetamido-2-deoxy-beta-D-glucopyranose-(1-4)-2-acetamido-2-deoxy-beta-D-glucopyranose
7 non-polymer 2-acetamido-2-deoxy-beta-D-glucopyranose
8 non-polymer 'SULFATE ION'
9 non-polymer DI(HYDROXYETHYL)ETHER
10 water water
#
loop_
_entity_poly.entity_id
_entity_poly.type
_entity_poly.pdbx_seq_one_letter_code
_entity_poly.pdbx_strand_id
1 'polypeptide(L)'
;ADPGATLCLGHHAVPNGTLVKTITNDQIEVTNATELVQSSSTGKICNNPHRILDGINCTLIDALLGDPHCDGFQNEKWDL
FVERSKAFSNCYPYDVPDYASLRSLVASSGTLEFINEGFNWTGVTQNGGSSACKRGPDSGFFSRLNWLYKSGSTYPVQNV
TMPNNDNSDKLYIWGVHHPSTDKEQTNLYVQASGKVTVSTKRSQQTIIPNVGSRPWVRGLSSRISIYWTIVKPGDILVIN
SNGNLIAPRGYFKMRTGKSSIMRSDAPIGTCSSECITPNGSIPNDKPFQNVNKITYGACPKYVKQNTLKLATGMRNVPEK
QTR
;
A
2 'polypeptide(L)'
;GIFGAIAGFIENGWEGMIDGWYGFRHQNSEGTGQAADLKSTQAAIDQINGKLNRVIEKTNEKFHQIEKEFSEVEGRIQDL
EKYVEDTKIDLWSYNAELLVALENQHTIDLTDSEMNKLFEKTRRQLRENAEDMGNGCFKIYHKCDNACIGSIRNGTYDHD
VYRDEALNNRFQIKGV
;
B
3 'polypeptide(L)'
;QSVLTQPPSASGTPGQSVTISCSGSRSNIGGNTVNWYQHLPGMAPKLLIYSSNQRSSGVPDRFSGSKSGTSASLAISGLQ
SEDDADYYCASWDDSLNGVVFGGGTKLTVLGQPKAAPSVTLFPPSSEELQANKATLVCLISDFYPGAVTVAWKADSSPVK
AGVETTTPSKQSNNKYAASSYLSLTPEQWKSHRSYSCQVTHEGSTVEKTVAPTECS
;
L
4 'polypeptide(L)'
;EVQLVESGAEVKKPGSSVKVSCRASGTFYKYAINWVRQAPGQGLEWMGGIIPFFGTTNYAQKFQGRLTITADGSTNTAYM
QLDSLRSEDTAVYYCAGPSITESHYCLDCAAKDYYYGLDVWGQGTTVTVSSASTKGPSVFPLAPSSKSTSGGTAALGCLV
KDYFPEPVTVSWNSGALTSGVHTFPAVLQSSGLYSLSSVVTVPSSSLGTQTYICNVNHKPSNTKVDKRVEPKSCHHHHHH
;
H
#
loop_
_chem_comp.id
_chem_comp.type
_chem_comp.name
_chem_comp.formula
BMA D-saccharide, beta linking beta-D-mannopyranose 'C6 H12 O6'
MAN D-saccharide, alpha linking alpha-D-mannopyranose 'C6 H12 O6'
NAG D-saccharide, beta linking 2-acetamido-2-deoxy-beta-D-glucopyranose 'C8 H15 N O6'
PEG non-polymer DI(HYDROXYETHYL)ETHER 'C4 H10 O3'
SO4 non-polymer 'SULFATE ION' 'O4 S -2'
#
# COMPACT_ATOMS: atom_id res chain seq x y z
N PRO A 3 -86.64 25.43 -54.87
CA PRO A 3 -85.88 26.37 -54.05
C PRO A 3 -85.71 25.89 -52.58
N GLY A 4 -84.48 25.53 -52.24
CA GLY A 4 -84.14 25.18 -50.88
C GLY A 4 -82.63 25.19 -50.67
N ALA A 5 -82.21 24.54 -49.61
CA ALA A 5 -80.82 24.48 -49.27
C ALA A 5 -80.45 23.03 -48.94
N THR A 6 -79.15 22.78 -48.80
CA THR A 6 -78.68 21.51 -48.26
C THR A 6 -77.72 21.86 -47.15
N LEU A 7 -77.82 21.17 -46.03
CA LEU A 7 -76.89 21.35 -44.92
C LEU A 7 -76.17 20.04 -44.63
N CYS A 8 -74.85 20.05 -44.74
CA CYS A 8 -74.07 18.82 -44.60
C CYS A 8 -73.28 18.78 -43.32
N LEU A 9 -73.37 17.66 -42.63
CA LEU A 9 -72.63 17.45 -41.41
C LEU A 9 -71.41 16.60 -41.69
N GLY A 10 -70.28 16.98 -41.11
CA GLY A 10 -69.06 16.27 -41.39
C GLY A 10 -67.99 16.46 -40.35
N HIS A 11 -66.83 15.88 -40.62
CA HIS A 11 -65.72 15.91 -39.71
C HIS A 11 -64.42 16.01 -40.50
N HIS A 12 -63.33 16.36 -39.84
CA HIS A 12 -62.11 16.58 -40.59
C HIS A 12 -61.36 15.27 -40.92
N ALA A 13 -60.42 15.35 -41.84
CA ALA A 13 -59.47 14.27 -42.04
C ALA A 13 -58.14 14.94 -42.21
N VAL A 14 -57.05 14.17 -42.19
CA VAL A 14 -55.74 14.76 -42.44
C VAL A 14 -55.00 14.02 -43.58
N PRO A 15 -54.02 14.69 -44.20
CA PRO A 15 -53.25 14.04 -45.27
C PRO A 15 -52.36 12.88 -44.78
N ASN A 16 -51.97 12.91 -43.51
CA ASN A 16 -50.97 11.99 -42.97
C ASN A 16 -51.44 11.32 -41.67
N GLY A 17 -52.28 10.30 -41.81
CA GLY A 17 -52.79 9.64 -40.63
C GLY A 17 -51.77 8.70 -40.07
N THR A 18 -51.98 8.22 -38.87
CA THR A 18 -51.05 7.25 -38.32
C THR A 18 -51.82 5.99 -37.87
N LEU A 19 -51.15 4.86 -37.85
CA LEU A 19 -51.82 3.61 -37.59
C LEU A 19 -51.70 3.28 -36.13
N VAL A 20 -52.82 2.88 -35.51
CA VAL A 20 -52.79 2.44 -34.12
C VAL A 20 -53.49 1.10 -33.97
N LYS A 21 -53.36 0.51 -32.79
CA LYS A 21 -53.89 -0.81 -32.48
C LYS A 21 -55.15 -0.67 -31.65
N THR A 22 -56.18 -1.47 -31.94
CA THR A 22 -57.36 -1.49 -31.08
C THR A 22 -57.68 -2.91 -30.60
N ILE A 23 -58.83 -3.05 -29.99
CA ILE A 23 -59.32 -4.30 -29.48
C ILE A 23 -59.67 -5.22 -30.64
N THR A 24 -60.23 -4.65 -31.71
CA THR A 24 -60.74 -5.50 -32.79
C THR A 24 -59.92 -5.39 -34.05
N ASN A 25 -58.90 -4.53 -34.02
CA ASN A 25 -58.18 -4.16 -35.23
C ASN A 25 -56.73 -3.96 -34.93
N ASP A 26 -55.89 -4.66 -35.66
CA ASP A 26 -54.46 -4.62 -35.43
C ASP A 26 -53.84 -3.31 -35.97
N GLN A 27 -54.31 -2.83 -37.12
CA GLN A 27 -53.85 -1.55 -37.67
C GLN A 27 -55.02 -0.74 -38.21
N ILE A 28 -55.40 0.31 -37.51
CA ILE A 28 -56.43 1.20 -38.03
C ILE A 28 -55.90 2.65 -38.00
N GLU A 29 -56.32 3.46 -38.97
CA GLU A 29 -55.74 4.80 -39.12
C GLU A 29 -56.51 5.93 -38.42
N VAL A 30 -55.82 6.64 -37.53
CA VAL A 30 -56.38 7.79 -36.87
C VAL A 30 -55.69 9.10 -37.33
N THR A 31 -56.23 10.25 -36.95
CA THR A 31 -55.66 11.52 -37.43
C THR A 31 -54.35 11.89 -36.73
N ASN A 32 -54.15 11.39 -35.52
CA ASN A 32 -52.98 11.73 -34.74
C ASN A 32 -52.86 10.68 -33.66
N ALA A 33 -51.66 10.52 -33.13
CA ALA A 33 -51.46 9.63 -31.98
C ALA A 33 -50.20 10.05 -31.25
N THR A 34 -49.96 9.49 -30.08
CA THR A 34 -48.78 9.86 -29.36
C THR A 34 -48.08 8.62 -28.80
N GLU A 35 -46.76 8.69 -28.76
CA GLU A 35 -45.94 7.57 -28.33
C GLU A 35 -45.91 7.51 -26.80
N LEU A 36 -46.12 6.31 -26.27
CA LEU A 36 -46.19 6.09 -24.84
C LEU A 36 -45.02 5.28 -24.32
N VAL A 37 -44.10 4.91 -25.23
CA VAL A 37 -42.91 4.16 -24.84
C VAL A 37 -41.67 4.95 -25.17
N GLN A 38 -40.93 5.36 -24.15
CA GLN A 38 -39.67 6.07 -24.36
C GLN A 38 -38.63 5.08 -24.85
N SER A 39 -38.07 5.31 -26.04
CA SER A 39 -37.13 4.33 -26.56
C SER A 39 -35.71 4.86 -26.83
N SER A 40 -35.46 6.12 -26.51
CA SER A 40 -34.12 6.68 -26.75
C SER A 40 -33.57 7.35 -25.50
N SER A 41 -32.25 7.46 -25.41
CA SER A 41 -31.59 8.21 -24.35
C SER A 41 -30.58 9.16 -24.95
N THR A 42 -30.25 10.23 -24.24
CA THR A 42 -29.23 11.19 -24.71
C THR A 42 -27.83 10.58 -24.68
N GLY A 43 -27.62 9.59 -23.82
CA GLY A 43 -26.38 8.85 -23.81
C GLY A 43 -25.51 9.24 -22.64
N LYS A 44 -25.93 10.28 -21.94
CA LYS A 44 -25.18 10.79 -20.81
C LYS A 44 -25.99 10.62 -19.54
N ILE A 45 -25.30 10.50 -18.42
CA ILE A 45 -25.97 10.61 -17.14
C ILE A 45 -25.94 12.07 -16.67
N CYS A 46 -27.12 12.58 -16.38
CA CYS A 46 -27.28 13.93 -15.86
C CYS A 46 -26.92 14.06 -14.38
N ASN A 47 -26.12 15.08 -14.07
CA ASN A 47 -25.62 15.26 -12.71
C ASN A 47 -26.57 16.02 -11.77
N ASN A 48 -27.72 16.45 -12.31
CA ASN A 48 -28.83 16.90 -11.47
C ASN A 48 -30.08 16.09 -11.78
N PRO A 49 -30.99 15.95 -10.81
CA PRO A 49 -30.89 16.49 -9.46
C PRO A 49 -30.30 15.49 -8.45
N HIS A 50 -29.95 14.29 -8.88
CA HIS A 50 -29.37 13.35 -7.94
C HIS A 50 -27.85 13.53 -7.82
N ARG A 51 -27.31 13.35 -6.63
CA ARG A 51 -25.86 13.41 -6.42
C ARG A 51 -25.17 12.18 -7.01
N ILE A 52 -24.52 12.35 -8.16
CA ILE A 52 -23.83 11.26 -8.83
C ILE A 52 -22.37 11.25 -8.39
N LEU A 53 -21.88 10.07 -7.99
CA LEU A 53 -20.48 9.90 -7.61
C LEU A 53 -19.87 8.88 -8.57
N ASP A 54 -18.97 9.35 -9.42
CA ASP A 54 -18.34 8.49 -10.41
C ASP A 54 -17.22 7.74 -9.73
N GLY A 55 -17.25 6.42 -9.84
CA GLY A 55 -16.27 5.56 -9.19
C GLY A 55 -14.96 5.49 -9.96
N ILE A 56 -14.99 5.97 -11.20
CA ILE A 56 -13.82 5.95 -12.09
C ILE A 56 -13.13 4.59 -12.09
N ASN A 57 -12.02 4.47 -11.37
CA ASN A 57 -11.22 3.26 -11.37
C ASN A 57 -11.58 2.34 -10.21
N CYS A 58 -12.60 2.74 -9.43
CA CYS A 58 -12.84 2.09 -8.14
C CYS A 58 -14.21 1.44 -8.02
N THR A 59 -14.27 0.24 -7.49
CA THR A 59 -15.56 -0.33 -7.11
C THR A 59 -15.91 0.19 -5.74
N LEU A 60 -17.19 0.15 -5.36
CA LEU A 60 -17.60 0.61 -4.03
C LEU A 60 -16.83 -0.09 -2.93
N ILE A 61 -16.76 -1.42 -2.97
CA ILE A 61 -16.00 -2.19 -1.97
C ILE A 61 -14.52 -1.75 -1.82
N ASP A 62 -13.83 -1.51 -2.94
CA ASP A 62 -12.48 -0.96 -2.84
C ASP A 62 -12.41 0.44 -2.19
N ALA A 63 -13.40 1.28 -2.44
CA ALA A 63 -13.40 2.61 -1.81
C ALA A 63 -13.70 2.48 -0.32
N LEU A 64 -14.52 1.49 0.01
CA LEU A 64 -14.80 1.16 1.40
C LEU A 64 -13.51 0.78 2.16
N LEU A 65 -12.82 -0.25 1.69
CA LEU A 65 -11.66 -0.76 2.37
C LEU A 65 -10.52 0.24 2.37
N GLY A 66 -10.40 1.03 1.31
CA GLY A 66 -9.36 2.04 1.26
C GLY A 66 -8.15 1.51 0.52
N ASP A 67 -8.40 0.86 -0.60
CA ASP A 67 -7.36 0.56 -1.57
C ASP A 67 -6.71 1.90 -1.95
N PRO A 68 -5.37 2.03 -1.80
CA PRO A 68 -4.67 3.30 -1.97
C PRO A 68 -5.10 4.16 -3.17
N HIS A 69 -5.26 3.59 -4.36
CA HIS A 69 -5.74 4.42 -5.47
C HIS A 69 -7.20 4.91 -5.34
N CYS A 70 -7.90 4.41 -4.33
CA CYS A 70 -9.27 4.81 -4.04
C CYS A 70 -9.37 5.78 -2.85
N ASP A 71 -8.23 6.26 -2.34
CA ASP A 71 -8.23 7.12 -1.16
C ASP A 71 -9.01 8.43 -1.36
N GLY A 72 -9.20 8.83 -2.61
CA GLY A 72 -9.97 10.02 -2.87
C GLY A 72 -11.44 9.93 -2.48
N PHE A 73 -11.93 8.72 -2.23
CA PHE A 73 -13.36 8.49 -1.93
C PHE A 73 -13.65 8.48 -0.44
N GLN A 74 -12.66 8.75 0.39
CA GLN A 74 -12.87 8.73 1.84
C GLN A 74 -13.95 9.70 2.27
N ASN A 75 -14.96 9.19 2.98
CA ASN A 75 -16.04 10.01 3.54
C ASN A 75 -17.04 10.61 2.55
N GLU A 76 -17.00 10.16 1.30
CA GLU A 76 -17.93 10.64 0.29
C GLU A 76 -19.38 10.23 0.49
N LYS A 77 -20.28 11.05 -0.02
CA LYS A 77 -21.70 10.75 -0.04
C LYS A 77 -22.17 10.65 -1.50
N TRP A 78 -23.25 9.91 -1.73
CA TRP A 78 -23.79 9.77 -3.10
C TRP A 78 -25.28 9.47 -3.06
N ASP A 79 -25.99 9.92 -4.08
CA ASP A 79 -27.32 9.39 -4.30
C ASP A 79 -27.21 8.14 -5.20
N LEU A 80 -26.43 8.25 -6.28
CA LEU A 80 -26.15 7.11 -7.14
C LEU A 80 -24.66 6.97 -7.36
N PHE A 81 -24.13 5.80 -6.98
CA PHE A 81 -22.71 5.47 -7.16
C PHE A 81 -22.56 4.71 -8.47
N VAL A 82 -21.72 5.25 -9.38
CA VAL A 82 -21.55 4.64 -10.71
C VAL A 82 -20.26 3.82 -10.79
N GLU A 83 -20.39 2.49 -10.84
CA GLU A 83 -19.27 1.59 -11.07
C GLU A 83 -18.99 1.41 -12.55
N ARG A 84 -17.75 1.70 -12.95
CA ARG A 84 -17.28 1.56 -14.32
C ARG A 84 -16.65 0.21 -14.55
N SER A 85 -16.75 -0.29 -15.79
CA SER A 85 -16.17 -1.58 -16.14
C SER A 85 -14.64 -1.61 -16.09
N LYS A 86 -13.99 -0.45 -16.24
CA LYS A 86 -12.53 -0.37 -16.17
C LYS A 86 -11.96 -0.35 -14.74
N ALA A 87 -12.81 -0.39 -13.73
CA ALA A 87 -12.31 -0.41 -12.36
C ALA A 87 -11.37 -1.60 -12.14
N PHE A 88 -10.44 -1.45 -11.22
CA PHE A 88 -9.50 -2.50 -10.89
C PHE A 88 -9.08 -2.43 -9.42
N SER A 89 -8.77 -3.59 -8.84
CA SER A 89 -8.19 -3.66 -7.50
C SER A 89 -6.66 -3.61 -7.55
N ASN A 90 -6.05 -2.96 -6.57
CA ASN A 90 -4.60 -2.87 -6.57
C ASN A 90 -4.01 -2.90 -5.15
N CYS A 91 -4.52 -3.77 -4.30
CA CYS A 91 -4.05 -3.91 -2.93
C CYS A 91 -3.93 -5.41 -2.62
N TYR A 92 -4.04 -5.78 -1.35
CA TYR A 92 -4.01 -7.20 -0.99
C TYR A 92 -5.14 -7.94 -1.67
N PRO A 93 -4.84 -9.11 -2.26
CA PRO A 93 -5.89 -9.89 -2.92
C PRO A 93 -6.87 -10.42 -1.88
N TYR A 94 -8.15 -10.16 -2.09
CA TYR A 94 -9.15 -10.48 -1.08
C TYR A 94 -10.40 -11.07 -1.68
N ASP A 95 -11.24 -11.62 -0.83
CA ASP A 95 -12.56 -12.00 -1.25
C ASP A 95 -13.57 -11.61 -0.16
N VAL A 96 -14.80 -11.35 -0.59
CA VAL A 96 -15.91 -11.08 0.33
C VAL A 96 -17.00 -12.13 0.24
N PRO A 97 -17.17 -12.93 1.30
CA PRO A 97 -18.35 -13.80 1.33
C PRO A 97 -19.62 -12.93 1.33
N ASP A 98 -20.53 -13.22 0.40
CA ASP A 98 -21.71 -12.38 0.19
C ASP A 98 -21.38 -10.92 -0.16
N TYR A 99 -20.30 -10.78 -0.91
CA TYR A 99 -19.94 -9.56 -1.63
C TYR A 99 -21.15 -8.76 -2.10
N ALA A 100 -22.08 -9.44 -2.78
CA ALA A 100 -23.28 -8.78 -3.30
C ALA A 100 -24.02 -8.05 -2.16
N SER A 101 -24.13 -8.71 -1.00
CA SER A 101 -24.86 -8.13 0.10
C SER A 101 -24.15 -6.97 0.77
N LEU A 102 -22.82 -7.06 0.82
CA LEU A 102 -22.06 -5.97 1.43
C LEU A 102 -22.16 -4.72 0.55
N ARG A 103 -21.99 -4.93 -0.76
CA ARG A 103 -22.06 -3.86 -1.73
C ARG A 103 -23.46 -3.25 -1.75
N SER A 104 -24.45 -4.09 -1.56
CA SER A 104 -25.81 -3.60 -1.52
C SER A 104 -26.04 -2.68 -0.33
N LEU A 105 -25.70 -3.15 0.86
CA LEU A 105 -26.06 -2.43 2.06
C LEU A 105 -25.27 -1.14 2.21
N VAL A 106 -24.02 -1.16 1.77
CA VAL A 106 -23.26 0.08 1.76
C VAL A 106 -23.89 1.06 0.78
N ALA A 107 -24.12 0.59 -0.45
CA ALA A 107 -24.67 1.42 -1.51
C ALA A 107 -25.97 2.08 -1.07
N SER A 108 -26.76 1.32 -0.31
CA SER A 108 -28.06 1.77 0.10
C SER A 108 -27.92 2.80 1.22
N SER A 109 -26.80 2.72 1.94
CA SER A 109 -26.54 3.62 3.05
C SER A 109 -26.14 5.02 2.53
N GLY A 110 -25.39 5.05 1.44
CA GLY A 110 -25.16 6.28 0.69
C GLY A 110 -23.97 7.11 1.14
N THR A 111 -23.14 6.53 2.01
CA THR A 111 -22.04 7.25 2.61
C THR A 111 -20.88 6.34 3.00
N LEU A 112 -19.67 6.88 2.91
CA LEU A 112 -18.44 6.21 3.36
C LEU A 112 -17.83 6.94 4.56
N GLU A 113 -18.65 7.77 5.19
CA GLU A 113 -18.29 8.52 6.40
C GLU A 113 -17.73 7.60 7.49
N PHE A 114 -16.47 7.80 7.85
CA PHE A 114 -15.77 6.88 8.72
C PHE A 114 -15.36 7.56 10.01
N ILE A 115 -15.49 6.85 11.14
CA ILE A 115 -15.14 7.40 12.44
C ILE A 115 -14.10 6.52 13.10
N ASN A 116 -12.91 7.05 13.35
CA ASN A 116 -11.86 6.27 14.00
C ASN A 116 -12.21 5.96 15.46
N GLU A 117 -11.76 4.81 15.93
CA GLU A 117 -11.87 4.48 17.36
C GLU A 117 -10.56 3.84 17.80
N GLY A 118 -10.21 4.04 19.07
CA GLY A 118 -9.04 3.37 19.60
C GLY A 118 -9.32 2.03 20.28
N PHE A 119 -8.96 0.95 19.61
CA PHE A 119 -9.06 -0.36 20.22
C PHE A 119 -7.83 -0.65 21.11
N ASN A 120 -8.03 -1.23 22.28
CA ASN A 120 -6.92 -1.47 23.22
C ASN A 120 -6.03 -2.67 22.85
N TRP A 121 -5.51 -2.68 21.63
CA TRP A 121 -4.60 -3.77 21.22
C TRP A 121 -3.36 -3.80 22.13
N THR A 122 -3.02 -5.00 22.59
CA THR A 122 -2.00 -5.18 23.60
C THR A 122 -1.02 -6.24 23.20
N GLY A 123 0.25 -5.86 23.13
CA GLY A 123 1.29 -6.84 22.88
C GLY A 123 1.27 -7.33 21.46
N VAL A 124 0.65 -6.57 20.57
CA VAL A 124 0.80 -6.81 19.15
C VAL A 124 1.18 -5.53 18.45
N THR A 125 1.81 -5.68 17.28
CA THR A 125 2.19 -4.55 16.46
C THR A 125 1.09 -4.27 15.43
N GLN A 126 0.90 -2.99 15.14
CA GLN A 126 -0.14 -2.57 14.21
C GLN A 126 0.50 -2.12 12.90
N ASN A 127 -0.36 -1.80 11.95
CA ASN A 127 0.02 -1.20 10.68
C ASN A 127 0.94 -1.99 9.77
N GLY A 128 0.80 -3.31 9.80
CA GLY A 128 1.52 -4.15 8.87
C GLY A 128 1.12 -3.87 7.44
N GLY A 129 2.10 -3.93 6.54
CA GLY A 129 1.86 -3.53 5.17
C GLY A 129 2.31 -4.64 4.25
N SER A 130 1.99 -4.52 2.97
CA SER A 130 2.32 -5.58 2.03
C SER A 130 2.93 -5.00 0.77
N SER A 131 3.74 -5.80 0.09
CA SER A 131 4.29 -5.37 -1.19
C SER A 131 3.25 -5.43 -2.32
N ALA A 132 2.09 -6.03 -2.07
CA ALA A 132 1.06 -6.09 -3.09
C ALA A 132 0.18 -4.84 -3.08
N CYS A 133 0.43 -3.97 -2.10
CA CYS A 133 -0.40 -2.80 -1.89
C CYS A 133 0.45 -1.57 -1.58
N LYS A 134 1.32 -1.18 -2.50
CA LYS A 134 2.24 -0.05 -2.26
C LYS A 134 1.58 1.33 -2.07
N ARG A 135 2.19 2.12 -1.18
CA ARG A 135 1.83 3.51 -1.02
C ARG A 135 3.01 4.29 -1.56
N GLY A 136 2.99 4.56 -2.87
CA GLY A 136 4.13 5.16 -3.54
C GLY A 136 5.18 4.10 -3.86
N PRO A 137 6.37 4.19 -3.21
CA PRO A 137 7.46 3.22 -3.40
C PRO A 137 7.52 2.12 -2.32
N ASP A 138 7.06 2.44 -1.11
CA ASP A 138 7.12 1.50 0.01
C ASP A 138 5.79 0.80 0.25
N SER A 139 5.84 -0.28 1.02
CA SER A 139 4.68 -1.14 1.23
C SER A 139 3.48 -0.41 1.88
N GLY A 140 2.28 -0.93 1.68
CA GLY A 140 1.09 -0.31 2.26
C GLY A 140 -0.03 -1.29 2.51
N PHE A 141 -1.20 -0.77 2.83
CA PHE A 141 -2.32 -1.64 3.13
C PHE A 141 -3.59 -0.84 2.95
N PHE A 142 -4.74 -1.49 3.10
CA PHE A 142 -6.02 -0.81 3.03
C PHE A 142 -6.10 0.26 4.10
N SER A 143 -6.53 1.46 3.75
CA SER A 143 -6.53 2.54 4.72
C SER A 143 -7.46 2.35 5.93
N ARG A 144 -8.57 1.65 5.75
CA ARG A 144 -9.52 1.47 6.86
C ARG A 144 -9.32 0.19 7.65
N LEU A 145 -8.26 -0.55 7.35
CA LEU A 145 -8.00 -1.80 8.07
C LEU A 145 -6.61 -1.78 8.71
N ASN A 146 -6.45 -2.63 9.72
CA ASN A 146 -5.25 -2.61 10.52
C ASN A 146 -4.68 -4.02 10.63
N TRP A 147 -3.61 -4.27 9.88
CA TRP A 147 -2.96 -5.57 9.90
C TRP A 147 -2.17 -5.75 11.18
N LEU A 148 -2.62 -6.68 12.04
CA LEU A 148 -1.97 -6.92 13.33
C LEU A 148 -1.03 -8.12 13.28
N TYR A 149 0.12 -7.97 13.91
CA TYR A 149 1.07 -9.07 13.98
C TYR A 149 1.84 -9.09 15.31
N LYS A 150 2.64 -10.12 15.48
CA LYS A 150 3.41 -10.33 16.70
C LYS A 150 4.30 -9.14 17.08
N SER A 151 4.55 -8.99 18.37
CA SER A 151 5.56 -8.05 18.85
C SER A 151 6.61 -8.86 19.57
N GLY A 152 7.87 -8.58 19.31
CA GLY A 152 8.92 -9.51 19.73
C GLY A 152 8.63 -10.90 19.19
N SER A 153 8.40 -11.85 20.09
CA SER A 153 8.18 -13.21 19.66
C SER A 153 6.89 -13.79 20.20
N THR A 154 5.95 -12.92 20.52
CA THR A 154 4.65 -13.39 20.95
C THR A 154 3.50 -12.61 20.37
N TYR A 155 2.42 -13.34 20.11
CA TYR A 155 1.16 -12.76 19.74
C TYR A 155 0.16 -13.21 20.79
N PRO A 156 0.00 -12.39 21.84
CA PRO A 156 -0.94 -12.66 22.94
C PRO A 156 -2.37 -12.56 22.48
N VAL A 157 -3.29 -13.24 23.15
CA VAL A 157 -4.71 -13.17 22.79
C VAL A 157 -5.26 -11.74 22.89
N GLN A 158 -6.05 -11.32 21.91
CA GLN A 158 -6.65 -10.00 21.91
C GLN A 158 -8.10 -10.11 22.30
N ASN A 159 -8.56 -9.17 23.11
CA ASN A 159 -9.89 -9.24 23.70
C ASN A 159 -10.36 -7.82 23.98
N VAL A 160 -10.91 -7.15 22.96
CA VAL A 160 -11.29 -5.75 23.10
C VAL A 160 -12.79 -5.51 22.91
N THR A 161 -13.22 -4.33 23.36
CA THR A 161 -14.63 -3.98 23.41
C THR A 161 -14.83 -2.63 22.80
N MET A 162 -16.02 -2.38 22.29
CA MET A 162 -16.36 -1.05 21.84
C MET A 162 -17.88 -0.88 21.95
N PRO A 163 -18.33 -0.15 22.98
CA PRO A 163 -19.76 0.09 23.18
C PRO A 163 -20.27 1.04 22.13
N ASN A 164 -21.42 0.75 21.57
CA ASN A 164 -22.13 1.77 20.82
C ASN A 164 -22.95 2.59 21.81
N ASN A 165 -22.56 3.85 21.97
CA ASN A 165 -23.29 4.77 22.85
C ASN A 165 -23.96 5.86 22.03
N ASP A 166 -24.18 5.60 20.77
CA ASP A 166 -24.58 6.65 19.84
C ASP A 166 -26.03 6.48 19.35
N ASN A 167 -26.50 7.50 18.64
CA ASN A 167 -27.89 7.55 18.19
C ASN A 167 -28.14 6.63 16.98
N SER A 168 -27.05 6.18 16.36
CA SER A 168 -27.14 5.49 15.07
C SER A 168 -26.39 4.15 15.02
N ASP A 169 -26.73 3.34 14.03
CA ASP A 169 -26.08 2.04 13.84
C ASP A 169 -24.64 2.23 13.37
N LYS A 170 -23.76 1.32 13.78
CA LYS A 170 -22.36 1.27 13.32
C LYS A 170 -22.07 0.07 12.39
N LEU A 171 -21.41 0.34 11.26
CA LEU A 171 -20.97 -0.74 10.40
C LEU A 171 -19.47 -0.94 10.59
N TYR A 172 -19.07 -2.11 11.11
CA TYR A 172 -17.66 -2.48 11.24
C TYR A 172 -17.20 -3.42 10.12
N ILE A 173 -16.15 -3.03 9.39
CA ILE A 173 -15.55 -3.92 8.39
C ILE A 173 -14.25 -4.52 8.93
N TRP A 174 -14.15 -5.85 8.93
CA TRP A 174 -12.96 -6.51 9.44
C TRP A 174 -12.59 -7.69 8.59
N GLY A 175 -11.45 -8.29 8.85
CA GLY A 175 -11.02 -9.35 7.97
C GLY A 175 -10.27 -10.49 8.63
N VAL A 176 -9.99 -11.51 7.83
CA VAL A 176 -9.21 -12.64 8.31
C VAL A 176 -8.18 -13.01 7.26
N HIS A 177 -6.94 -13.22 7.71
CA HIS A 177 -5.81 -13.48 6.82
C HIS A 177 -5.53 -14.98 6.59
N HIS A 178 -5.47 -15.40 5.33
CA HIS A 178 -5.21 -16.79 4.95
C HIS A 178 -3.83 -16.91 4.34
N PRO A 179 -2.84 -17.32 5.15
CA PRO A 179 -1.45 -17.48 4.73
C PRO A 179 -1.31 -18.56 3.68
N SER A 180 -0.21 -18.59 2.93
CA SER A 180 0.02 -19.64 1.93
C SER A 180 0.74 -20.85 2.50
N THR A 181 1.45 -20.66 3.60
CA THR A 181 2.24 -21.72 4.21
C THR A 181 2.18 -21.63 5.73
N ASP A 182 2.48 -22.75 6.39
CA ASP A 182 2.52 -22.78 7.85
C ASP A 182 3.64 -21.87 8.36
N LYS A 183 4.73 -21.75 7.61
CA LYS A 183 5.84 -20.88 8.03
C LYS A 183 5.33 -19.45 8.11
N GLU A 184 4.56 -19.07 7.10
CA GLU A 184 4.03 -17.72 7.04
C GLU A 184 3.13 -17.52 8.25
N GLN A 185 2.19 -18.45 8.45
CA GLN A 185 1.31 -18.46 9.62
C GLN A 185 2.04 -18.23 10.94
N THR A 186 3.15 -18.94 11.18
CA THR A 186 3.79 -18.83 12.48
C THR A 186 4.72 -17.65 12.53
N ASN A 187 5.26 -17.26 11.38
CA ASN A 187 6.10 -16.08 11.33
C ASN A 187 5.32 -14.85 11.78
N LEU A 188 4.08 -14.73 11.32
CA LEU A 188 3.30 -13.55 11.62
C LEU A 188 2.62 -13.59 12.98
N TYR A 189 2.02 -14.73 13.31
CA TYR A 189 1.11 -14.80 14.47
C TYR A 189 1.57 -15.75 15.57
N VAL A 190 2.76 -16.33 15.41
CA VAL A 190 3.31 -17.30 16.36
C VAL A 190 2.50 -18.59 16.57
N GLN A 191 1.20 -18.46 16.82
CA GLN A 191 0.33 -19.63 16.94
C GLN A 191 0.17 -20.32 15.58
N ALA A 192 0.04 -21.65 15.60
CA ALA A 192 -0.03 -22.45 14.38
C ALA A 192 -1.38 -22.34 13.73
N SER A 193 -2.37 -22.01 14.54
CA SER A 193 -3.75 -21.97 14.10
C SER A 193 -4.41 -20.74 14.68
N GLY A 194 -4.80 -19.80 13.82
CA GLY A 194 -5.46 -18.61 14.31
C GLY A 194 -6.96 -18.82 14.50
N LYS A 195 -7.63 -17.83 15.05
CA LYS A 195 -9.08 -17.76 15.00
C LYS A 195 -9.50 -16.33 15.26
N VAL A 196 -10.59 -15.91 14.65
CA VAL A 196 -11.13 -14.58 14.88
C VAL A 196 -12.60 -14.71 15.27
N THR A 197 -13.00 -14.04 16.35
CA THR A 197 -14.40 -14.02 16.79
C THR A 197 -14.85 -12.58 16.99
N VAL A 198 -15.89 -12.19 16.27
CA VAL A 198 -16.46 -10.86 16.41
C VAL A 198 -17.92 -11.05 16.81
N SER A 199 -18.35 -10.33 17.83
CA SER A 199 -19.66 -10.60 18.40
C SER A 199 -20.29 -9.40 19.05
N THR A 200 -21.62 -9.37 18.95
CA THR A 200 -22.46 -8.43 19.65
C THR A 200 -23.17 -9.23 20.74
N LYS A 201 -24.29 -8.71 21.23
CA LYS A 201 -25.06 -9.44 22.23
C LYS A 201 -25.97 -10.48 21.60
N ARG A 202 -26.30 -10.33 20.32
CA ARG A 202 -27.28 -11.22 19.68
C ARG A 202 -26.69 -11.85 18.41
N SER A 203 -25.38 -11.80 18.26
CA SER A 203 -24.76 -12.36 17.06
C SER A 203 -23.28 -12.63 17.27
N GLN A 204 -22.78 -13.67 16.62
CA GLN A 204 -21.35 -13.99 16.63
C GLN A 204 -20.91 -14.54 15.26
N GLN A 205 -19.63 -14.40 14.96
CA GLN A 205 -19.06 -14.95 13.74
C GLN A 205 -17.70 -15.36 14.15
N THR A 206 -17.39 -16.65 14.08
CA THR A 206 -16.03 -17.07 14.36
C THR A 206 -15.49 -17.66 13.09
N ILE A 207 -14.36 -17.16 12.64
CA ILE A 207 -13.80 -17.63 11.39
C ILE A 207 -12.47 -18.26 11.69
N ILE A 208 -12.25 -19.44 11.14
CA ILE A 208 -10.94 -20.09 11.23
C ILE A 208 -10.19 -19.77 9.95
N PRO A 209 -8.95 -19.30 10.07
CA PRO A 209 -8.18 -19.01 8.85
C PRO A 209 -7.76 -20.31 8.19
N ASN A 210 -7.68 -20.31 6.87
CA ASN A 210 -7.26 -21.51 6.15
C ASN A 210 -5.91 -21.33 5.46
N VAL A 211 -5.01 -22.27 5.69
CA VAL A 211 -3.67 -22.18 5.10
C VAL A 211 -3.49 -22.99 3.81
N GLY A 212 -2.91 -22.37 2.79
CA GLY A 212 -2.58 -23.09 1.57
C GLY A 212 -2.46 -22.16 0.40
N SER A 213 -1.96 -22.67 -0.73
CA SER A 213 -1.68 -21.82 -1.88
C SER A 213 -2.89 -21.49 -2.73
N ARG A 214 -3.01 -20.22 -3.10
CA ARG A 214 -3.96 -19.82 -4.12
C ARG A 214 -3.14 -19.28 -5.30
N PRO A 215 -3.78 -19.07 -6.45
CA PRO A 215 -3.08 -18.46 -7.59
C PRO A 215 -2.43 -17.10 -7.25
N TRP A 216 -1.23 -16.86 -7.78
CA TRP A 216 -0.52 -15.58 -7.70
C TRP A 216 -1.46 -14.45 -8.09
N VAL A 217 -1.63 -13.49 -7.19
CA VAL A 217 -2.29 -12.22 -7.54
C VAL A 217 -1.44 -11.08 -6.99
N ARG A 218 -0.97 -10.23 -7.89
CA ARG A 218 -0.04 -9.17 -7.53
C ARG A 218 1.05 -9.69 -6.61
N GLY A 219 1.57 -10.88 -6.93
CA GLY A 219 2.68 -11.46 -6.19
C GLY A 219 2.40 -12.44 -5.04
N LEU A 220 1.16 -12.55 -4.59
CA LEU A 220 0.89 -13.34 -3.39
C LEU A 220 -0.01 -14.54 -3.62
N SER A 221 0.17 -15.59 -2.80
CA SER A 221 -0.73 -16.74 -2.82
C SER A 221 -1.70 -16.60 -1.69
N SER A 222 -1.49 -15.58 -0.87
CA SER A 222 -2.27 -15.42 0.32
C SER A 222 -3.54 -14.65 0.04
N ARG A 223 -4.47 -14.69 0.99
CA ARG A 223 -5.71 -13.96 0.82
C ARG A 223 -6.16 -13.38 2.13
N ILE A 224 -6.96 -12.32 2.03
CA ILE A 224 -7.69 -11.82 3.16
C ILE A 224 -9.17 -12.01 2.87
N SER A 225 -9.97 -12.44 3.84
CA SER A 225 -11.43 -12.52 3.65
C SER A 225 -12.07 -11.40 4.44
N ILE A 226 -12.92 -10.63 3.78
CA ILE A 226 -13.63 -9.53 4.43
C ILE A 226 -15.01 -9.92 5.00
N TYR A 227 -15.31 -9.46 6.21
CA TYR A 227 -16.60 -9.71 6.86
C TYR A 227 -17.15 -8.40 7.40
N TRP A 228 -18.42 -8.42 7.79
CA TRP A 228 -18.97 -7.23 8.42
C TRP A 228 -19.81 -7.51 9.67
N THR A 229 -19.99 -6.46 10.46
CA THR A 229 -20.78 -6.54 11.67
C THR A 229 -21.41 -5.19 11.97
N ILE A 230 -22.72 -5.22 12.14
CA ILE A 230 -23.48 -4.05 12.48
C ILE A 230 -23.80 -4.07 13.96
N VAL A 231 -23.43 -3.00 14.66
CA VAL A 231 -23.68 -2.90 16.10
C VAL A 231 -24.73 -1.83 16.35
N LYS A 232 -25.85 -2.23 16.96
CA LYS A 232 -26.95 -1.30 17.20
C LYS A 232 -26.73 -0.47 18.48
N PRO A 233 -27.39 0.70 18.60
CA PRO A 233 -27.22 1.52 19.81
C PRO A 233 -27.60 0.74 21.07
N GLY A 234 -26.74 0.76 22.07
CA GLY A 234 -27.00 0.00 23.28
C GLY A 234 -26.28 -1.32 23.23
N ASP A 235 -26.01 -1.79 22.02
CA ASP A 235 -25.32 -3.05 21.82
C ASP A 235 -23.81 -2.82 22.02
N ILE A 236 -23.01 -3.88 21.94
CA ILE A 236 -21.61 -3.75 22.30
C ILE A 236 -20.79 -4.69 21.42
N LEU A 237 -19.70 -4.20 20.85
CA LEU A 237 -18.89 -5.02 19.97
C LEU A 237 -17.78 -5.62 20.80
N VAL A 238 -17.50 -6.90 20.59
CA VAL A 238 -16.32 -7.52 21.20
C VAL A 238 -15.59 -8.24 20.11
N ILE A 239 -14.25 -8.12 20.09
CA ILE A 239 -13.41 -8.79 19.10
C ILE A 239 -12.42 -9.70 19.79
N ASN A 240 -12.40 -10.97 19.43
CA ASN A 240 -11.51 -11.92 20.11
C ASN A 240 -10.63 -12.64 19.10
N SER A 241 -9.32 -12.65 19.31
CA SER A 241 -8.44 -13.33 18.36
C SER A 241 -7.08 -13.71 18.88
N ASN A 242 -6.61 -14.89 18.49
CA ASN A 242 -5.22 -15.26 18.78
C ASN A 242 -4.38 -15.40 17.50
N GLY A 243 -4.79 -14.68 16.44
CA GLY A 243 -4.04 -14.64 15.20
C GLY A 243 -4.90 -14.37 13.97
N ASN A 244 -4.27 -13.88 12.91
CA ASN A 244 -4.90 -13.71 11.60
C ASN A 244 -6.00 -12.67 11.49
N LEU A 245 -6.18 -11.87 12.55
CA LEU A 245 -7.18 -10.82 12.56
C LEU A 245 -6.77 -9.61 11.72
N ILE A 246 -7.56 -9.28 10.70
CA ILE A 246 -7.42 -7.96 10.09
C ILE A 246 -8.40 -6.98 10.72
N ALA A 247 -7.89 -6.13 11.59
CA ALA A 247 -8.73 -5.30 12.46
C ALA A 247 -9.31 -4.03 11.84
N PRO A 248 -10.52 -3.64 12.29
CA PRO A 248 -11.16 -2.37 11.92
C PRO A 248 -10.48 -1.24 12.63
N ARG A 249 -10.46 -0.05 12.04
CA ARG A 249 -9.85 1.10 12.69
C ARG A 249 -10.95 1.98 13.24
N GLY A 250 -12.19 1.57 12.97
CA GLY A 250 -13.36 2.28 13.46
C GLY A 250 -14.60 1.80 12.73
N TYR A 251 -15.58 2.69 12.61
CA TYR A 251 -16.83 2.29 12.00
C TYR A 251 -17.29 3.24 10.89
N PHE A 252 -18.19 2.74 10.05
CA PHE A 252 -18.83 3.55 9.03
C PHE A 252 -20.19 3.94 9.55
N LYS A 253 -20.59 5.19 9.33
CA LYS A 253 -21.93 5.58 9.72
C LYS A 253 -22.95 4.86 8.83
N MET A 254 -24.08 4.46 9.41
CA MET A 254 -25.14 3.92 8.59
C MET A 254 -26.26 4.96 8.44
N ARG A 255 -26.80 5.04 7.25
CA ARG A 255 -27.89 5.97 6.99
C ARG A 255 -28.95 5.24 6.16
N THR A 256 -30.15 5.78 6.13
CA THR A 256 -31.18 5.24 5.27
C THR A 256 -31.63 6.38 4.38
N GLY A 257 -32.07 6.06 3.17
CA GLY A 257 -32.59 7.07 2.29
C GLY A 257 -32.65 6.53 0.88
N LYS A 258 -32.58 7.42 -0.09
CA LYS A 258 -32.77 7.04 -1.49
C LYS A 258 -31.49 6.60 -2.21
N SER A 259 -30.45 6.26 -1.47
CA SER A 259 -29.17 5.99 -2.11
C SER A 259 -29.06 4.62 -2.78
N SER A 260 -28.39 4.56 -3.93
CA SER A 260 -28.13 3.27 -4.57
C SER A 260 -26.82 3.25 -5.35
N ILE A 261 -26.67 2.28 -6.25
CA ILE A 261 -25.45 2.07 -7.02
C ILE A 261 -25.85 1.51 -8.37
N MET A 262 -25.06 1.77 -9.41
CA MET A 262 -25.39 1.33 -10.77
C MET A 262 -24.14 1.03 -11.60
N ARG A 263 -24.22 0.04 -12.49
CA ARG A 263 -23.10 -0.29 -13.36
C ARG A 263 -23.30 0.33 -14.74
N SER A 264 -22.37 1.18 -15.16
CA SER A 264 -22.52 1.90 -16.42
C SER A 264 -21.22 2.50 -16.89
N ASP A 265 -21.05 2.57 -18.20
CA ASP A 265 -19.92 3.27 -18.78
C ASP A 265 -20.33 4.56 -19.49
N ALA A 266 -21.59 4.93 -19.36
CA ALA A 266 -22.08 6.20 -19.91
C ALA A 266 -21.36 7.37 -19.25
N PRO A 267 -20.97 8.37 -20.05
CA PRO A 267 -20.29 9.52 -19.44
C PRO A 267 -21.25 10.39 -18.65
N ILE A 268 -20.70 11.18 -17.74
CA ILE A 268 -21.53 12.07 -16.93
C ILE A 268 -21.65 13.45 -17.55
N GLY A 269 -22.85 14.02 -17.53
CA GLY A 269 -23.09 15.28 -18.20
C GLY A 269 -23.61 16.35 -17.26
N THR A 270 -23.57 17.60 -17.73
CA THR A 270 -24.12 18.72 -16.99
C THR A 270 -25.48 19.02 -17.59
N CYS A 271 -26.49 18.40 -17.03
CA CYS A 271 -27.84 18.53 -17.52
C CYS A 271 -28.72 18.07 -16.38
N SER A 272 -30.02 18.16 -16.53
CA SER A 272 -30.89 17.75 -15.45
C SER A 272 -31.91 16.71 -15.92
N SER A 273 -32.04 15.63 -15.16
CA SER A 273 -33.03 14.59 -15.46
C SER A 273 -33.29 13.69 -14.25
N GLU A 274 -34.57 13.46 -13.99
CA GLU A 274 -35.00 12.68 -12.86
C GLU A 274 -34.69 11.19 -13.00
N CYS A 275 -34.65 10.69 -14.22
CA CYS A 275 -34.53 9.23 -14.42
C CYS A 275 -33.20 8.83 -15.04
N ILE A 276 -32.55 7.84 -14.44
CA ILE A 276 -31.23 7.39 -14.88
C ILE A 276 -31.26 5.92 -15.29
N THR A 277 -30.55 5.58 -16.37
CA THR A 277 -30.36 4.19 -16.77
C THR A 277 -28.90 4.03 -17.16
N PRO A 278 -28.41 2.79 -17.21
CA PRO A 278 -27.00 2.66 -17.59
C PRO A 278 -26.69 3.16 -18.99
N ASN A 279 -27.72 3.44 -19.79
CA ASN A 279 -27.52 3.93 -21.14
C ASN A 279 -27.40 5.44 -21.13
N GLY A 280 -27.70 6.01 -19.97
CA GLY A 280 -27.82 7.44 -19.82
C GLY A 280 -29.18 7.80 -19.24
N SER A 281 -29.42 9.08 -19.01
CA SER A 281 -30.69 9.55 -18.50
C SER A 281 -31.76 9.45 -19.58
N ILE A 282 -33.00 9.32 -19.17
CA ILE A 282 -34.10 9.35 -20.11
C ILE A 282 -35.14 10.32 -19.60
N PRO A 283 -35.92 10.92 -20.52
CA PRO A 283 -37.05 11.78 -20.15
C PRO A 283 -38.09 10.94 -19.44
N ASN A 284 -38.98 11.54 -18.64
CA ASN A 284 -40.07 10.75 -18.05
C ASN A 284 -41.48 11.27 -18.34
N ASP A 285 -41.62 12.02 -19.41
CA ASP A 285 -42.95 12.38 -19.87
C ASP A 285 -43.81 11.15 -20.27
N LYS A 286 -43.22 10.05 -20.70
CA LYS A 286 -44.03 8.92 -21.14
C LYS A 286 -44.18 7.87 -20.03
N PRO A 287 -45.27 7.11 -20.03
CA PRO A 287 -45.52 6.14 -18.96
C PRO A 287 -44.70 4.85 -19.04
N PHE A 288 -44.23 4.50 -20.23
CA PHE A 288 -43.41 3.29 -20.36
C PHE A 288 -42.06 3.56 -21.04
N GLN A 289 -41.16 2.57 -20.98
CA GLN A 289 -39.85 2.72 -21.60
C GLN A 289 -39.27 1.35 -21.99
N ASN A 290 -38.46 1.37 -23.04
CA ASN A 290 -37.88 0.18 -23.63
C ASN A 290 -36.37 0.26 -23.57
N VAL A 291 -35.84 1.20 -22.78
CA VAL A 291 -34.43 1.49 -22.78
C VAL A 291 -33.64 0.50 -21.92
N ASN A 292 -34.01 0.35 -20.65
CA ASN A 292 -33.31 -0.59 -19.76
C ASN A 292 -34.14 -1.00 -18.53
N LYS A 293 -34.15 -2.29 -18.22
CA LYS A 293 -34.89 -2.76 -17.04
C LYS A 293 -34.30 -2.20 -15.74
N ILE A 294 -33.01 -1.85 -15.80
CA ILE A 294 -32.29 -1.18 -14.71
C ILE A 294 -32.55 0.35 -14.71
N THR A 295 -33.14 0.88 -13.63
CA THR A 295 -33.38 2.33 -13.53
C THR A 295 -33.19 2.92 -12.12
N TYR A 296 -32.96 4.23 -12.08
CA TYR A 296 -32.89 4.91 -10.81
C TYR A 296 -33.64 6.21 -10.94
N GLY A 297 -34.49 6.51 -9.95
CA GLY A 297 -35.29 7.73 -9.92
C GLY A 297 -36.75 7.60 -10.33
N ALA A 298 -37.30 8.67 -10.89
CA ALA A 298 -38.71 8.65 -11.29
C ALA A 298 -38.78 8.24 -12.76
N CYS A 299 -39.01 6.96 -12.99
CA CYS A 299 -38.82 6.42 -14.33
C CYS A 299 -40.08 5.82 -14.90
N PRO A 300 -40.23 5.90 -16.23
CA PRO A 300 -41.30 5.11 -16.85
C PRO A 300 -41.12 3.64 -16.52
N LYS A 301 -42.22 2.91 -16.53
CA LYS A 301 -42.19 1.49 -16.22
C LYS A 301 -41.59 0.73 -17.44
N TYR A 302 -40.71 -0.23 -17.21
CA TYR A 302 -40.06 -0.93 -18.33
C TYR A 302 -40.98 -1.99 -18.97
N VAL A 303 -41.11 -1.93 -20.29
CA VAL A 303 -41.92 -2.88 -21.04
C VAL A 303 -41.10 -3.47 -22.21
N LYS A 304 -41.55 -4.61 -22.71
CA LYS A 304 -40.88 -5.26 -23.85
C LYS A 304 -41.13 -4.56 -25.20
N GLN A 305 -42.23 -3.82 -25.32
CA GLN A 305 -42.57 -3.21 -26.60
C GLN A 305 -41.69 -2.00 -26.90
N ASN A 306 -41.31 -1.85 -28.17
CA ASN A 306 -40.52 -0.68 -28.56
C ASN A 306 -41.42 0.50 -28.99
N THR A 307 -42.71 0.23 -29.19
CA THR A 307 -43.66 1.29 -29.53
C THR A 307 -45.10 0.95 -29.16
N LEU A 308 -45.79 1.93 -28.58
CA LEU A 308 -47.21 1.83 -28.32
C LEU A 308 -47.85 3.19 -28.56
N LYS A 309 -48.67 3.28 -29.60
CA LYS A 309 -49.23 4.57 -29.95
C LYS A 309 -50.64 4.72 -29.41
N LEU A 310 -50.87 5.82 -28.72
CA LEU A 310 -52.16 6.12 -28.15
C LEU A 310 -52.87 7.12 -29.06
N ALA A 311 -54.00 6.73 -29.62
CA ALA A 311 -54.72 7.60 -30.53
C ALA A 311 -55.13 8.90 -29.84
N THR A 312 -55.01 10.03 -30.54
CA THR A 312 -55.42 11.32 -29.98
C THR A 312 -56.32 12.09 -30.90
N GLY A 313 -56.92 11.37 -31.84
CA GLY A 313 -57.88 11.93 -32.77
C GLY A 313 -58.79 10.81 -33.26
N MET A 314 -59.82 11.20 -33.99
CA MET A 314 -60.75 10.28 -34.62
C MET A 314 -60.11 9.50 -35.76
N ARG A 315 -60.84 8.51 -36.24
CA ARG A 315 -60.56 7.82 -37.50
C ARG A 315 -60.25 8.75 -38.66
N ASN A 316 -59.10 8.53 -39.29
CA ASN A 316 -58.78 9.27 -40.51
C ASN A 316 -59.41 8.59 -41.72
N VAL A 317 -60.33 9.28 -42.37
CA VAL A 317 -61.06 8.72 -43.48
C VAL A 317 -61.03 9.66 -44.66
N PRO A 318 -60.00 9.56 -45.49
CA PRO A 318 -59.94 10.46 -46.65
C PRO A 318 -60.83 9.98 -47.80
N GLU A 319 -60.98 10.80 -48.83
CA GLU A 319 -61.71 10.42 -50.04
C GLU A 319 -61.09 9.24 -50.80
N GLY B 1 -67.00 2.52 -36.33
CA GLY B 1 -67.27 3.01 -34.98
C GLY B 1 -68.65 2.56 -34.54
N ILE B 2 -68.85 2.56 -33.24
CA ILE B 2 -70.04 1.96 -32.67
C ILE B 2 -71.35 2.75 -32.99
N PHE B 3 -71.24 3.98 -33.50
CA PHE B 3 -72.46 4.74 -33.83
C PHE B 3 -72.78 4.78 -35.30
N GLY B 4 -71.78 4.47 -36.12
CA GLY B 4 -72.04 4.35 -37.52
C GLY B 4 -71.95 5.63 -38.31
N ALA B 5 -71.40 6.70 -37.70
CA ALA B 5 -71.30 7.98 -38.41
C ALA B 5 -69.97 8.09 -39.14
N ILE B 6 -68.88 8.26 -38.39
CA ILE B 6 -67.56 8.31 -39.01
C ILE B 6 -67.22 6.95 -39.59
N ALA B 7 -66.80 6.94 -40.85
CA ALA B 7 -66.58 5.73 -41.63
C ALA B 7 -67.87 4.89 -41.72
N GLY B 8 -69.01 5.55 -41.67
CA GLY B 8 -70.31 4.94 -41.82
C GLY B 8 -71.20 5.79 -42.74
N PHE B 9 -72.24 6.41 -42.19
CA PHE B 9 -73.18 7.09 -43.07
C PHE B 9 -72.65 8.43 -43.56
N ILE B 10 -71.56 8.89 -42.97
CA ILE B 10 -70.77 9.96 -43.57
C ILE B 10 -69.63 9.28 -44.32
N GLU B 11 -69.67 9.35 -45.65
CA GLU B 11 -68.72 8.69 -46.53
C GLU B 11 -67.28 8.88 -46.16
N ASN B 12 -66.90 10.11 -45.78
CA ASN B 12 -65.48 10.43 -45.61
C ASN B 12 -65.28 11.75 -44.90
N GLY B 13 -64.07 12.00 -44.40
CA GLY B 13 -63.79 13.25 -43.72
C GLY B 13 -63.37 14.36 -44.68
N TRP B 14 -63.19 15.55 -44.15
CA TRP B 14 -62.96 16.75 -44.95
C TRP B 14 -61.57 17.31 -44.62
N GLU B 15 -60.60 17.14 -45.53
CA GLU B 15 -59.28 17.70 -45.28
C GLU B 15 -59.29 19.22 -45.27
N GLY B 16 -60.31 19.82 -45.86
CA GLY B 16 -60.42 21.26 -45.92
C GLY B 16 -60.95 21.93 -44.67
N MET B 17 -61.50 21.14 -43.75
CA MET B 17 -61.95 21.65 -42.46
C MET B 17 -60.73 21.75 -41.55
N ILE B 18 -60.11 22.92 -41.50
CA ILE B 18 -58.86 22.99 -40.77
C ILE B 18 -58.96 23.77 -39.44
N ASP B 19 -60.16 24.14 -39.06
CA ASP B 19 -60.35 24.95 -37.87
C ASP B 19 -61.34 24.32 -36.90
N GLY B 20 -61.56 23.02 -37.04
CA GLY B 20 -62.39 22.30 -36.10
C GLY B 20 -62.37 20.82 -36.42
N TRP B 21 -62.95 20.00 -35.55
CA TRP B 21 -62.96 18.57 -35.77
C TRP B 21 -64.27 18.14 -36.39
N TYR B 22 -65.28 18.96 -36.23
CA TYR B 22 -66.61 18.67 -36.78
C TYR B 22 -67.17 19.99 -37.28
N GLY B 23 -68.14 19.92 -38.17
CA GLY B 23 -68.58 21.15 -38.79
C GLY B 23 -69.71 20.99 -39.79
N PHE B 24 -70.11 22.11 -40.40
CA PHE B 24 -71.16 22.13 -41.40
C PHE B 24 -70.69 22.60 -42.76
N ARG B 25 -71.19 21.98 -43.81
CA ARG B 25 -71.05 22.51 -45.17
C ARG B 25 -72.43 22.71 -45.69
N HIS B 26 -72.66 23.82 -46.38
CA HIS B 26 -73.99 24.11 -46.84
C HIS B 26 -73.98 24.50 -48.30
N GLN B 27 -75.12 24.28 -48.96
CA GLN B 27 -75.42 24.77 -50.29
C GLN B 27 -76.77 25.51 -50.29
N ASN B 28 -76.80 26.72 -50.84
CA ASN B 28 -78.03 27.50 -50.86
C ASN B 28 -78.05 28.51 -52.01
N SER B 29 -78.92 29.51 -51.96
CA SER B 29 -79.06 30.44 -53.08
C SER B 29 -77.79 31.23 -53.31
N GLU B 30 -77.04 31.49 -52.24
CA GLU B 30 -75.83 32.33 -52.35
C GLU B 30 -74.55 31.55 -52.63
N GLY B 31 -74.62 30.22 -52.60
CA GLY B 31 -73.47 29.42 -52.95
C GLY B 31 -73.24 28.25 -52.03
N THR B 32 -71.98 28.07 -51.67
CA THR B 32 -71.58 27.04 -50.72
C THR B 32 -70.53 27.57 -49.75
N GLY B 33 -70.53 27.09 -48.52
CA GLY B 33 -69.50 27.46 -47.56
C GLY B 33 -69.35 26.43 -46.44
N GLN B 34 -68.38 26.66 -45.56
CA GLN B 34 -68.16 25.75 -44.44
C GLN B 34 -67.90 26.46 -43.12
N ALA B 35 -68.13 25.75 -42.03
CA ALA B 35 -67.80 26.30 -40.72
C ALA B 35 -67.63 25.17 -39.73
N ALA B 36 -66.68 25.37 -38.83
CA ALA B 36 -66.44 24.41 -37.76
C ALA B 36 -67.52 24.54 -36.69
N ASP B 37 -67.85 23.44 -36.03
CA ASP B 37 -68.63 23.52 -34.78
C ASP B 37 -67.72 23.48 -33.56
N LEU B 38 -67.58 24.58 -32.84
CA LEU B 38 -66.63 24.57 -31.69
C LEU B 38 -66.97 23.63 -30.53
N LYS B 39 -68.25 23.51 -30.21
CA LYS B 39 -68.62 22.86 -28.95
C LYS B 39 -68.44 21.34 -29.02
N SER B 40 -68.68 20.74 -30.18
CA SER B 40 -68.41 19.32 -30.32
C SER B 40 -66.91 19.02 -30.48
N THR B 41 -66.20 19.91 -31.17
CA THR B 41 -64.76 19.78 -31.27
C THR B 41 -64.18 19.80 -29.88
N GLN B 42 -64.69 20.70 -29.04
CA GLN B 42 -64.12 20.82 -27.72
C GLN B 42 -64.47 19.62 -26.84
N ALA B 43 -65.61 19.00 -27.09
CA ALA B 43 -66.03 17.86 -26.31
C ALA B 43 -65.09 16.69 -26.57
N ALA B 44 -64.81 16.42 -27.84
CA ALA B 44 -63.93 15.32 -28.20
C ALA B 44 -62.55 15.57 -27.60
N ILE B 45 -62.02 16.76 -27.85
CA ILE B 45 -60.71 17.11 -27.37
C ILE B 45 -60.58 17.01 -25.83
N ASP B 46 -61.53 17.58 -25.10
CA ASP B 46 -61.53 17.52 -23.63
C ASP B 46 -61.45 16.09 -23.11
N GLN B 47 -62.26 15.20 -23.70
CA GLN B 47 -62.24 13.80 -23.28
C GLN B 47 -60.88 13.20 -23.55
N ILE B 48 -60.37 13.41 -24.75
CA ILE B 48 -59.07 12.90 -25.11
C ILE B 48 -57.97 13.47 -24.20
N ASN B 49 -58.04 14.76 -23.88
CA ASN B 49 -57.07 15.30 -22.94
C ASN B 49 -57.20 14.68 -21.54
N GLY B 50 -58.42 14.36 -21.12
CA GLY B 50 -58.64 13.73 -19.82
C GLY B 50 -57.89 12.43 -19.74
N LYS B 51 -57.99 11.71 -20.82
CA LYS B 51 -57.38 10.41 -21.00
C LYS B 51 -55.86 10.52 -21.09
N LEU B 52 -55.35 11.51 -21.80
CA LEU B 52 -53.91 11.81 -21.76
C LEU B 52 -53.40 12.16 -20.36
N ASN B 53 -54.14 12.98 -19.62
CA ASN B 53 -53.67 13.37 -18.29
C ASN B 53 -53.59 12.19 -17.36
N ARG B 54 -54.50 11.24 -17.54
CA ARG B 54 -54.52 10.07 -16.70
C ARG B 54 -53.31 9.20 -17.03
N VAL B 55 -52.90 9.18 -18.29
CA VAL B 55 -51.81 8.30 -18.72
C VAL B 55 -50.40 8.89 -18.62
N ILE B 56 -50.20 10.13 -19.05
CA ILE B 56 -48.93 10.87 -18.99
C ILE B 56 -48.58 11.22 -17.53
N GLU B 57 -49.46 10.76 -16.63
CA GLU B 57 -49.38 11.05 -15.20
C GLU B 57 -48.08 10.57 -14.55
N LYS B 58 -47.70 11.26 -13.49
CA LYS B 58 -46.48 10.95 -12.74
C LYS B 58 -46.15 9.45 -12.60
N THR B 59 -45.04 9.12 -13.23
CA THR B 59 -44.36 7.86 -13.04
C THR B 59 -44.01 7.68 -11.57
N ASN B 60 -44.05 6.43 -11.09
CA ASN B 60 -43.60 6.12 -9.75
C ASN B 60 -42.09 6.36 -9.61
N GLU B 61 -41.64 6.55 -8.37
CA GLU B 61 -40.24 6.75 -8.11
C GLU B 61 -39.71 5.56 -7.32
N LYS B 62 -38.74 4.84 -7.88
CA LYS B 62 -38.04 3.76 -7.18
C LYS B 62 -36.55 4.08 -7.07
N PHE B 63 -35.90 3.61 -6.00
CA PHE B 63 -34.48 3.85 -5.82
C PHE B 63 -33.67 2.56 -5.82
N HIS B 64 -33.01 2.26 -4.70
CA HIS B 64 -32.34 0.96 -4.59
C HIS B 64 -33.32 -0.20 -4.79
N GLN B 65 -32.94 -1.15 -5.64
CA GLN B 65 -33.78 -2.30 -5.95
C GLN B 65 -32.98 -3.58 -5.91
N ILE B 66 -33.40 -4.58 -6.67
CA ILE B 66 -32.55 -5.75 -6.84
C ILE B 66 -31.63 -5.60 -8.06
N GLU B 67 -30.62 -6.43 -8.15
CA GLU B 67 -29.80 -6.43 -9.36
C GLU B 67 -30.49 -7.22 -10.48
N LYS B 68 -30.13 -6.91 -11.72
CA LYS B 68 -30.83 -7.50 -12.87
C LYS B 68 -29.86 -7.97 -13.93
N GLU B 69 -28.56 -7.85 -13.67
CA GLU B 69 -27.55 -8.35 -14.59
C GLU B 69 -26.49 -9.04 -13.75
N PHE B 70 -25.92 -10.12 -14.26
CA PHE B 70 -25.06 -10.95 -13.44
C PHE B 70 -23.87 -11.46 -14.20
N SER B 71 -22.69 -11.36 -13.62
CA SER B 71 -21.49 -11.78 -14.31
C SER B 71 -21.03 -13.21 -14.02
N GLU B 72 -21.60 -13.84 -12.99
CA GLU B 72 -21.23 -15.23 -12.62
C GLU B 72 -22.46 -16.08 -12.48
N VAL B 73 -22.31 -17.37 -12.77
CA VAL B 73 -23.36 -18.36 -12.58
C VAL B 73 -23.45 -18.67 -11.09
N GLU B 74 -24.64 -18.60 -10.50
CA GLU B 74 -24.78 -18.75 -9.05
C GLU B 74 -25.84 -19.77 -8.66
N GLY B 75 -26.81 -19.99 -9.53
CA GLY B 75 -27.84 -20.97 -9.23
C GLY B 75 -29.13 -20.44 -8.65
N ARG B 76 -29.54 -21.00 -7.51
CA ARG B 76 -30.91 -20.87 -7.02
C ARG B 76 -31.35 -19.43 -6.80
N ILE B 77 -30.52 -18.65 -6.13
CA ILE B 77 -30.91 -17.30 -5.80
C ILE B 77 -30.93 -16.38 -7.00
N GLN B 78 -30.00 -16.57 -7.93
CA GLN B 78 -30.08 -15.78 -9.16
C GLN B 78 -31.25 -16.20 -10.05
N ASP B 79 -31.58 -17.50 -10.07
CA ASP B 79 -32.77 -17.94 -10.78
C ASP B 79 -33.98 -17.16 -10.31
N LEU B 80 -34.09 -16.98 -9.00
CA LEU B 80 -35.22 -16.29 -8.40
C LEU B 80 -35.21 -14.83 -8.82
N GLU B 81 -34.09 -14.15 -8.63
CA GLU B 81 -34.02 -12.73 -8.99
C GLU B 81 -34.42 -12.48 -10.44
N LYS B 82 -33.92 -13.29 -11.37
CA LYS B 82 -34.32 -13.19 -12.77
C LYS B 82 -35.79 -13.46 -12.99
N TYR B 83 -36.32 -14.50 -12.38
CA TYR B 83 -37.73 -14.87 -12.54
C TYR B 83 -38.63 -13.79 -12.03
N VAL B 84 -38.30 -13.22 -10.86
CA VAL B 84 -39.00 -12.05 -10.37
C VAL B 84 -39.02 -10.90 -11.38
N GLU B 85 -37.88 -10.53 -11.94
CA GLU B 85 -37.92 -9.39 -12.85
C GLU B 85 -38.68 -9.73 -14.14
N ASP B 86 -38.44 -10.92 -14.66
CA ASP B 86 -39.09 -11.34 -15.89
C ASP B 86 -40.61 -11.41 -15.72
N THR B 87 -41.06 -11.74 -14.52
CA THR B 87 -42.49 -11.80 -14.26
C THR B 87 -43.13 -10.42 -14.21
N LYS B 88 -42.46 -9.46 -13.56
CA LYS B 88 -42.91 -8.07 -13.53
C LYS B 88 -42.96 -7.44 -14.92
N ILE B 89 -41.91 -7.62 -15.72
CA ILE B 89 -41.85 -7.02 -17.05
C ILE B 89 -42.99 -7.56 -17.91
N ASP B 90 -43.25 -8.86 -17.84
CA ASP B 90 -44.35 -9.40 -18.64
C ASP B 90 -45.68 -8.84 -18.21
N LEU B 91 -45.92 -8.74 -16.91
CA LEU B 91 -47.16 -8.16 -16.42
C LEU B 91 -47.32 -6.72 -16.88
N TRP B 92 -46.27 -5.91 -16.73
CA TRP B 92 -46.35 -4.54 -17.18
C TRP B 92 -46.51 -4.42 -18.68
N SER B 93 -45.80 -5.27 -19.43
CA SER B 93 -45.96 -5.31 -20.88
C SER B 93 -47.40 -5.60 -21.28
N TYR B 94 -48.01 -6.56 -20.61
CA TYR B 94 -49.42 -6.87 -20.82
C TYR B 94 -50.32 -5.64 -20.54
N ASN B 95 -50.20 -5.08 -19.33
CA ASN B 95 -50.94 -3.87 -19.02
C ASN B 95 -50.86 -2.78 -20.09
N ALA B 96 -49.65 -2.48 -20.55
CA ALA B 96 -49.45 -1.42 -21.50
C ALA B 96 -50.13 -1.73 -22.82
N GLU B 97 -50.01 -2.96 -23.27
CA GLU B 97 -50.70 -3.43 -24.44
C GLU B 97 -52.22 -3.30 -24.31
N LEU B 98 -52.77 -3.69 -23.17
CA LEU B 98 -54.21 -3.67 -23.02
C LEU B 98 -54.72 -2.27 -22.95
N LEU B 99 -53.95 -1.41 -22.29
CA LEU B 99 -54.34 -0.05 -22.04
C LEU B 99 -54.52 0.65 -23.37
N VAL B 100 -53.44 0.65 -24.14
CA VAL B 100 -53.43 1.29 -25.42
C VAL B 100 -54.56 0.76 -26.31
N ALA B 101 -54.80 -0.55 -26.29
CA ALA B 101 -55.88 -1.08 -27.12
C ALA B 101 -57.29 -0.66 -26.66
N LEU B 102 -57.59 -0.73 -25.35
CA LEU B 102 -58.84 -0.21 -24.81
C LEU B 102 -59.01 1.27 -25.09
N GLU B 103 -58.02 2.09 -24.73
CA GLU B 103 -58.15 3.51 -24.97
C GLU B 103 -58.40 3.82 -26.44
N ASN B 104 -57.67 3.16 -27.31
CA ASN B 104 -57.88 3.44 -28.72
C ASN B 104 -59.27 3.07 -29.21
N GLN B 105 -59.80 1.95 -28.74
CA GLN B 105 -61.15 1.58 -29.11
C GLN B 105 -62.12 2.62 -28.60
N HIS B 106 -61.90 3.10 -27.39
CA HIS B 106 -62.80 4.06 -26.81
C HIS B 106 -62.64 5.45 -27.48
N THR B 107 -61.42 5.82 -27.85
CA THR B 107 -61.20 7.08 -28.52
C THR B 107 -61.93 7.14 -29.86
N ILE B 108 -61.80 6.09 -30.67
CA ILE B 108 -62.52 6.00 -31.93
C ILE B 108 -64.04 6.00 -31.73
N ASP B 109 -64.52 5.37 -30.66
CA ASP B 109 -65.95 5.35 -30.41
C ASP B 109 -66.50 6.69 -29.90
N LEU B 110 -65.74 7.41 -29.10
CA LEU B 110 -66.24 8.65 -28.52
C LEU B 110 -66.28 9.77 -29.57
N THR B 111 -65.31 9.79 -30.46
CA THR B 111 -65.31 10.75 -31.54
C THR B 111 -66.45 10.44 -32.53
N ASP B 112 -66.72 9.16 -32.77
CA ASP B 112 -67.89 8.74 -33.53
C ASP B 112 -69.17 9.29 -32.89
N SER B 113 -69.34 9.01 -31.60
CA SER B 113 -70.39 9.59 -30.78
C SER B 113 -70.62 11.08 -31.00
N GLU B 114 -69.59 11.89 -30.86
CA GLU B 114 -69.74 13.34 -31.00
C GLU B 114 -70.31 13.73 -32.37
N MET B 115 -69.80 13.11 -33.43
CA MET B 115 -70.30 13.36 -34.77
C MET B 115 -71.78 13.04 -34.79
N ASN B 116 -72.13 11.91 -34.23
CA ASN B 116 -73.50 11.52 -34.20
C ASN B 116 -74.42 12.44 -33.32
N LYS B 117 -73.94 12.85 -32.14
CA LYS B 117 -74.63 13.85 -31.32
C LYS B 117 -74.90 15.16 -32.06
N LEU B 118 -73.95 15.62 -32.85
CA LEU B 118 -74.10 16.88 -33.52
C LEU B 118 -75.18 16.76 -34.58
N PHE B 119 -75.12 15.68 -35.36
CA PHE B 119 -76.14 15.38 -36.32
C PHE B 119 -77.56 15.35 -35.70
N GLU B 120 -77.70 14.62 -34.60
CA GLU B 120 -79.00 14.51 -33.97
C GLU B 120 -79.51 15.85 -33.41
N LYS B 121 -78.60 16.67 -32.91
CA LYS B 121 -78.98 17.98 -32.41
C LYS B 121 -79.49 18.82 -33.54
N THR B 122 -78.87 18.67 -34.71
CA THR B 122 -79.30 19.38 -35.90
C THR B 122 -80.68 18.91 -36.40
N ARG B 123 -80.87 17.59 -36.49
CA ARG B 123 -82.14 17.00 -36.94
C ARG B 123 -83.31 17.51 -36.11
N ARG B 124 -83.05 17.70 -34.83
CA ARG B 124 -84.02 18.13 -33.87
C ARG B 124 -84.35 19.59 -34.06
N GLN B 125 -83.33 20.39 -34.28
CA GLN B 125 -83.53 21.80 -34.61
C GLN B 125 -84.46 22.04 -35.79
N LEU B 126 -84.31 21.24 -36.86
CA LEU B 126 -85.03 21.51 -38.09
C LEU B 126 -86.46 21.03 -38.08
N ARG B 127 -86.79 20.13 -37.16
CA ARG B 127 -88.16 19.63 -37.07
C ARG B 127 -88.70 19.12 -38.42
N GLU B 128 -89.84 19.64 -38.82
CA GLU B 128 -90.49 19.22 -40.06
C GLU B 128 -90.04 20.03 -41.29
N ASN B 129 -88.95 20.76 -41.17
CA ASN B 129 -88.54 21.59 -42.28
C ASN B 129 -87.49 20.93 -43.17
N ALA B 130 -87.08 19.70 -42.83
CA ALA B 130 -85.99 19.05 -43.56
C ALA B 130 -86.09 17.56 -43.48
N GLU B 131 -85.51 16.88 -44.46
CA GLU B 131 -85.43 15.43 -44.45
C GLU B 131 -83.95 15.03 -44.43
N ASP B 132 -83.63 13.95 -43.71
CA ASP B 132 -82.31 13.32 -43.71
C ASP B 132 -82.11 12.56 -45.04
N MET B 133 -81.08 12.93 -45.79
CA MET B 133 -80.81 12.31 -47.09
C MET B 133 -79.96 11.05 -47.00
N GLY B 134 -79.61 10.64 -45.79
CA GLY B 134 -78.91 9.39 -45.62
C GLY B 134 -77.40 9.43 -45.58
N ASN B 135 -76.78 10.53 -46.04
CA ASN B 135 -75.33 10.60 -46.11
C ASN B 135 -74.81 11.67 -45.19
N GLY B 136 -75.57 12.00 -44.14
CA GLY B 136 -75.15 13.04 -43.22
C GLY B 136 -75.67 14.41 -43.61
N CYS B 137 -76.43 14.48 -44.70
CA CYS B 137 -76.90 15.75 -45.24
C CYS B 137 -78.40 15.93 -45.05
N PHE B 138 -78.79 17.15 -44.74
CA PHE B 138 -80.18 17.51 -44.64
C PHE B 138 -80.65 18.29 -45.85
N LYS B 139 -81.67 17.79 -46.53
CA LYS B 139 -82.38 18.59 -47.51
C LYS B 139 -83.33 19.53 -46.79
N ILE B 140 -83.17 20.83 -46.98
CA ILE B 140 -84.00 21.82 -46.30
C ILE B 140 -84.98 22.38 -47.32
N TYR B 141 -86.27 22.27 -47.00
CA TYR B 141 -87.34 22.56 -47.93
C TYR B 141 -87.86 23.99 -47.87
N HIS B 142 -86.97 24.94 -47.62
CA HIS B 142 -87.33 26.34 -47.71
C HIS B 142 -86.14 27.15 -48.14
N LYS B 143 -86.35 28.38 -48.64
CA LYS B 143 -85.22 29.25 -48.97
C LYS B 143 -84.48 29.46 -47.66
N CYS B 144 -83.15 29.27 -47.70
CA CYS B 144 -82.34 29.31 -46.48
C CYS B 144 -81.01 29.98 -46.78
N ASP B 145 -80.98 31.31 -46.65
CA ASP B 145 -79.79 32.09 -46.99
C ASP B 145 -78.69 31.95 -45.93
N ASN B 146 -77.59 32.66 -46.11
CA ASN B 146 -76.44 32.52 -45.24
C ASN B 146 -76.74 32.80 -43.78
N ALA B 147 -77.64 33.74 -43.51
CA ALA B 147 -77.98 34.02 -42.11
C ALA B 147 -78.83 32.88 -41.52
N CYS B 148 -79.75 32.37 -42.33
CA CYS B 148 -80.59 31.28 -41.94
C CYS B 148 -79.68 30.10 -41.59
N ILE B 149 -78.75 29.75 -42.50
CA ILE B 149 -77.77 28.70 -42.21
C ILE B 149 -77.03 29.05 -40.94
N GLY B 150 -76.69 30.33 -40.79
CA GLY B 150 -76.02 30.80 -39.59
C GLY B 150 -76.83 30.54 -38.33
N SER B 151 -78.14 30.74 -38.40
CA SER B 151 -78.98 30.50 -37.24
C SER B 151 -79.05 29.01 -36.92
N ILE B 152 -79.05 28.16 -37.94
CA ILE B 152 -78.95 26.74 -37.66
C ILE B 152 -77.66 26.40 -36.90
N ARG B 153 -76.52 26.96 -37.32
CA ARG B 153 -75.28 26.72 -36.57
C ARG B 153 -75.20 27.38 -35.16
N ASN B 154 -75.72 28.61 -34.99
CA ASN B 154 -75.89 29.25 -33.67
C ASN B 154 -76.84 28.55 -32.70
N GLY B 155 -77.83 27.82 -33.22
CA GLY B 155 -78.86 27.24 -32.37
C GLY B 155 -80.01 28.19 -32.05
N THR B 156 -80.28 29.11 -32.97
CA THR B 156 -81.33 30.09 -32.75
C THR B 156 -82.28 30.09 -33.92
N TYR B 157 -82.24 29.02 -34.70
CA TYR B 157 -83.12 28.83 -35.86
C TYR B 157 -84.51 28.54 -35.34
N ASP B 158 -85.46 29.34 -35.80
CA ASP B 158 -86.83 29.24 -35.34
C ASP B 158 -87.68 28.52 -36.39
N HIS B 159 -87.86 27.21 -36.24
CA HIS B 159 -88.49 26.42 -37.28
C HIS B 159 -89.92 26.87 -37.61
N ASP B 160 -90.59 27.51 -36.67
CA ASP B 160 -91.97 27.90 -36.95
C ASP B 160 -92.07 28.98 -38.01
N VAL B 161 -91.00 29.74 -38.15
CA VAL B 161 -90.90 30.80 -39.14
C VAL B 161 -90.99 30.21 -40.54
N TYR B 162 -90.38 29.03 -40.75
CA TYR B 162 -90.28 28.43 -42.07
C TYR B 162 -91.25 27.28 -42.30
N ARG B 163 -91.96 26.89 -41.25
CA ARG B 163 -92.81 25.70 -41.30
C ARG B 163 -93.89 25.63 -42.42
N ASP B 164 -94.75 26.64 -42.56
CA ASP B 164 -95.74 26.61 -43.66
C ASP B 164 -95.07 26.46 -45.03
N GLU B 165 -93.92 27.11 -45.20
CA GLU B 165 -93.23 27.05 -46.48
C GLU B 165 -92.66 25.66 -46.74
N ALA B 166 -92.03 25.08 -45.73
CA ALA B 166 -91.40 23.76 -45.89
C ALA B 166 -92.43 22.65 -46.09
N LEU B 167 -93.47 22.65 -45.26
CA LEU B 167 -94.52 21.62 -45.34
C LEU B 167 -95.13 21.64 -46.71
N ASN B 168 -95.24 22.83 -47.26
CA ASN B 168 -95.84 22.94 -48.57
C ASN B 168 -94.98 22.30 -49.66
N ASN B 169 -93.68 22.54 -49.62
CA ASN B 169 -92.72 21.94 -50.53
C ASN B 169 -92.54 20.45 -50.35
N ARG B 170 -92.56 19.99 -49.11
CA ARG B 170 -92.34 18.57 -48.81
C ARG B 170 -93.45 17.67 -49.29
N PHE B 171 -94.69 18.14 -49.18
CA PHE B 171 -95.85 17.33 -49.49
C PHE B 171 -96.59 17.84 -50.71
N GLN B 172 -96.24 17.32 -51.88
CA GLN B 172 -96.90 17.68 -53.11
C GLN B 172 -96.92 16.51 -54.10
N GLN C 1 39.97 -10.50 -5.38
CA GLN C 1 39.09 -10.23 -6.52
C GLN C 1 37.63 -9.99 -6.09
N SER C 2 37.41 -8.92 -5.34
CA SER C 2 36.07 -8.51 -4.94
C SER C 2 35.19 -8.09 -6.12
N VAL C 3 33.88 -8.22 -5.94
CA VAL C 3 32.95 -7.92 -7.01
C VAL C 3 32.95 -6.43 -7.32
N LEU C 4 33.08 -5.60 -6.27
CA LEU C 4 33.24 -4.17 -6.47
C LEU C 4 34.72 -3.84 -6.43
N THR C 5 35.10 -2.81 -7.19
CA THR C 5 36.51 -2.51 -7.41
C THR C 5 36.86 -1.11 -6.95
N GLN C 6 37.71 -1.01 -5.93
CA GLN C 6 38.19 0.29 -5.49
C GLN C 6 39.66 0.39 -5.83
N PRO C 7 40.19 1.62 -5.94
CA PRO C 7 41.65 1.67 -6.04
C PRO C 7 42.20 1.36 -4.65
N PRO C 8 43.38 0.72 -4.57
CA PRO C 8 43.84 0.28 -3.26
C PRO C 8 44.31 1.42 -2.36
N SER C 9 44.66 2.56 -2.93
CA SER C 9 45.13 3.65 -2.07
C SER C 9 44.71 5.04 -2.52
N ALA C 10 44.73 5.94 -1.55
CA ALA C 10 44.46 7.35 -1.78
C ALA C 10 45.26 8.14 -0.75
N SER C 11 45.61 9.37 -1.08
CA SER C 11 46.33 10.19 -0.14
C SER C 11 46.02 11.68 -0.32
N GLY C 12 46.45 12.49 0.63
CA GLY C 12 46.37 13.94 0.53
C GLY C 12 46.89 14.59 1.81
N THR C 13 47.24 15.87 1.73
CA THR C 13 47.60 16.62 2.92
C THR C 13 46.32 17.19 3.56
N PRO C 14 46.40 17.59 4.84
CA PRO C 14 45.22 18.17 5.51
C PRO C 14 44.63 19.35 4.77
N GLY C 15 43.35 19.25 4.44
CA GLY C 15 42.63 20.34 3.79
C GLY C 15 42.22 20.02 2.36
N GLN C 16 42.91 19.07 1.72
CA GLN C 16 42.60 18.73 0.33
C GLN C 16 41.33 17.89 0.28
N SER C 17 40.91 17.54 -0.93
CA SER C 17 39.78 16.61 -1.06
C SER C 17 40.22 15.39 -1.85
N VAL C 18 39.70 14.23 -1.46
CA VAL C 18 40.00 13.00 -2.19
C VAL C 18 38.72 12.32 -2.66
N THR C 19 38.82 11.65 -3.80
CA THR C 19 37.67 10.91 -4.31
C THR C 19 37.95 9.42 -4.46
N ILE C 20 37.20 8.64 -3.70
CA ILE C 20 37.34 7.20 -3.70
C ILE C 20 36.23 6.58 -4.53
N SER C 21 36.59 5.93 -5.63
CA SER C 21 35.60 5.41 -6.57
C SER C 21 35.31 3.93 -6.32
N CYS C 22 34.11 3.52 -6.69
CA CYS C 22 33.69 2.13 -6.55
C CYS C 22 33.08 1.69 -7.87
N SER C 23 33.68 0.70 -8.52
CA SER C 23 33.19 0.25 -9.82
C SER C 23 32.50 -1.12 -9.79
N GLY C 24 31.18 -1.11 -10.00
CA GLY C 24 30.40 -2.33 -10.03
C GLY C 24 29.74 -2.64 -11.37
N SER C 25 28.52 -3.16 -11.31
CA SER C 25 27.81 -3.54 -12.53
C SER C 25 26.30 -3.48 -12.37
N ARG C 26 25.58 -3.87 -13.43
CA ARG C 26 24.13 -3.83 -13.44
C ARG C 26 23.56 -4.52 -12.22
N SER C 27 24.03 -5.73 -11.95
CA SER C 27 23.43 -6.55 -10.90
C SER C 27 23.62 -6.02 -9.47
N ASN C 28 24.64 -5.21 -9.24
CA ASN C 28 24.78 -4.55 -7.94
C ASN C 28 24.48 -3.04 -7.98
N ILE C 29 25.51 -2.24 -8.20
CA ILE C 29 25.37 -0.79 -8.07
C ILE C 29 24.32 -0.14 -8.99
N GLY C 30 24.31 -0.54 -10.26
CA GLY C 30 23.34 -0.01 -11.19
C GLY C 30 21.86 -0.27 -10.85
N GLY C 31 21.61 -1.05 -9.80
CA GLY C 31 20.26 -1.39 -9.45
C GLY C 31 20.00 -1.35 -7.95
N ASN C 32 21.00 -0.92 -7.19
CA ASN C 32 20.88 -0.91 -5.74
C ASN C 32 21.56 0.29 -5.13
N THR C 33 21.17 0.68 -3.92
CA THR C 33 21.85 1.77 -3.22
C THR C 33 23.19 1.33 -2.68
N VAL C 34 24.13 2.26 -2.60
CA VAL C 34 25.49 1.94 -2.17
C VAL C 34 25.73 2.49 -0.78
N ASN C 35 26.39 1.70 0.08
CA ASN C 35 26.83 2.20 1.38
C ASN C 35 28.35 2.36 1.41
N TRP C 36 28.84 3.26 2.27
CA TRP C 36 30.29 3.40 2.47
C TRP C 36 30.64 3.22 3.92
N TYR C 37 31.75 2.50 4.17
CA TYR C 37 32.21 2.25 5.53
C TYR C 37 33.63 2.74 5.76
N GLN C 38 33.94 3.06 7.03
CA GLN C 38 35.27 3.51 7.42
C GLN C 38 35.76 2.60 8.53
N HIS C 39 37.06 2.30 8.52
CA HIS C 39 37.61 1.23 9.34
C HIS C 39 39.03 1.58 9.73
N LEU C 40 39.29 1.61 11.04
CA LEU C 40 40.65 1.80 11.56
C LEU C 40 41.08 0.54 12.34
N PRO C 41 41.56 -0.52 11.61
CA PRO C 41 41.47 -1.95 11.98
C PRO C 41 41.86 -2.36 13.42
N GLY C 42 41.23 -3.45 13.86
CA GLY C 42 41.24 -3.89 15.24
C GLY C 42 39.98 -3.41 15.93
N MET C 43 39.42 -2.31 15.40
CA MET C 43 38.18 -1.71 15.90
C MET C 43 37.15 -1.67 14.79
N ALA C 44 35.88 -1.82 15.17
CA ALA C 44 34.80 -2.12 14.21
C ALA C 44 34.54 -1.02 13.18
N PRO C 45 34.13 -1.40 11.95
CA PRO C 45 33.79 -0.43 10.91
C PRO C 45 32.68 0.53 11.33
N LYS C 46 32.57 1.63 10.60
CA LYS C 46 31.56 2.64 10.90
C LYS C 46 30.88 3.10 9.60
N LEU C 47 29.56 3.23 9.65
CA LEU C 47 28.80 3.64 8.48
C LEU C 47 28.97 5.14 8.27
N LEU C 48 29.21 5.54 7.03
CA LEU C 48 29.35 6.96 6.68
C LEU C 48 28.20 7.42 5.81
N ILE C 49 27.93 6.65 4.76
CA ILE C 49 26.91 7.01 3.79
C ILE C 49 25.92 5.86 3.54
N TYR C 50 24.62 6.15 3.54
CA TYR C 50 23.60 5.20 3.10
C TYR C 50 22.77 5.77 1.94
N SER C 51 21.99 4.94 1.26
CA SER C 51 21.16 5.36 0.11
C SER C 51 21.97 6.10 -0.94
N SER C 52 23.19 5.61 -1.19
CA SER C 52 24.14 6.28 -2.08
C SER C 52 24.61 7.68 -1.65
N ASN C 53 23.72 8.54 -1.15
CA ASN C 53 24.07 9.95 -0.93
C ASN C 53 23.59 10.61 0.38
N GLN C 54 23.32 9.82 1.42
CA GLN C 54 22.90 10.40 2.70
C GLN C 54 23.97 10.18 3.77
N ARG C 55 24.37 11.26 4.43
CA ARG C 55 25.26 11.13 5.58
C ARG C 55 24.51 10.45 6.73
N SER C 56 25.10 9.38 7.26
CA SER C 56 24.60 8.77 8.48
C SER C 56 24.77 9.76 9.65
N SER C 57 24.18 9.46 10.80
CA SER C 57 24.20 10.40 11.92
C SER C 57 25.59 10.66 12.51
N GLY C 58 25.89 11.93 12.79
CA GLY C 58 27.16 12.29 13.39
C GLY C 58 28.33 12.30 12.42
N VAL C 59 28.04 12.07 11.15
CA VAL C 59 29.07 12.11 10.12
C VAL C 59 29.21 13.52 9.55
N PRO C 60 30.40 14.12 9.69
CA PRO C 60 30.70 15.50 9.24
C PRO C 60 30.37 15.71 7.76
N ASP C 61 29.89 16.90 7.40
CA ASP C 61 29.33 17.13 6.07
C ASP C 61 30.39 17.13 4.97
N ARG C 62 31.65 17.09 5.38
CA ARG C 62 32.75 17.02 4.44
C ARG C 62 32.80 15.65 3.75
N PHE C 63 32.13 14.67 4.33
CA PHE C 63 31.88 13.36 3.69
C PHE C 63 30.63 13.43 2.83
N SER C 64 30.75 12.95 1.60
CA SER C 64 29.60 12.93 0.70
C SER C 64 29.72 11.75 -0.27
N GLY C 65 28.60 11.11 -0.57
CA GLY C 65 28.59 10.01 -1.49
C GLY C 65 27.71 10.33 -2.66
N SER C 66 28.01 9.71 -3.80
CA SER C 66 27.13 9.84 -4.94
C SER C 66 27.24 8.59 -5.82
N LYS C 67 26.28 8.44 -6.70
CA LYS C 67 26.21 7.30 -7.59
C LYS C 67 25.79 7.77 -8.97
N SER C 68 26.29 7.11 -10.01
CA SER C 68 25.77 7.27 -11.37
C SER C 68 26.07 6.02 -12.21
N GLY C 69 25.06 5.49 -12.87
CA GLY C 69 25.21 4.28 -13.63
C GLY C 69 25.68 3.15 -12.73
N THR C 70 26.78 2.51 -13.13
CA THR C 70 27.27 1.34 -12.41
C THR C 70 28.49 1.63 -11.55
N SER C 71 28.73 2.91 -11.25
CA SER C 71 29.81 3.28 -10.31
C SER C 71 29.33 4.16 -9.18
N ALA C 72 30.16 4.34 -8.17
CA ALA C 72 29.84 5.19 -7.04
C ALA C 72 31.08 5.91 -6.53
N SER C 73 30.92 7.11 -5.97
CA SER C 73 32.03 7.86 -5.43
C SER C 73 31.80 8.26 -3.98
N LEU C 74 32.89 8.31 -3.22
CA LEU C 74 32.89 8.91 -1.90
C LEU C 74 33.84 10.10 -1.96
N ALA C 75 33.37 11.28 -1.60
CA ALA C 75 34.19 12.48 -1.67
C ALA C 75 34.42 13.02 -0.28
N ILE C 76 35.69 13.18 0.09
CA ILE C 76 36.03 13.76 1.38
C ILE C 76 36.70 15.09 1.13
N SER C 77 35.97 16.20 1.24
CA SER C 77 36.59 17.51 1.07
C SER C 77 37.06 18.06 2.41
N GLY C 78 38.06 18.94 2.40
CA GLY C 78 38.63 19.43 3.64
C GLY C 78 39.08 18.28 4.54
N LEU C 79 40.06 17.52 4.04
CA LEU C 79 40.60 16.35 4.72
C LEU C 79 41.20 16.68 6.08
N GLN C 80 41.07 15.75 7.03
CA GLN C 80 41.65 15.95 8.34
C GLN C 80 42.41 14.73 8.82
N SER C 81 43.33 14.93 9.76
CA SER C 81 44.23 13.88 10.22
C SER C 81 43.52 12.63 10.71
N GLU C 82 42.33 12.80 11.29
CA GLU C 82 41.57 11.67 11.82
C GLU C 82 41.08 10.74 10.72
N ASP C 83 41.07 11.23 9.48
CA ASP C 83 40.50 10.47 8.38
C ASP C 83 41.40 9.37 7.83
N ASP C 84 42.62 9.26 8.34
CA ASP C 84 43.54 8.23 7.88
C ASP C 84 43.00 6.85 8.26
N ALA C 85 42.48 6.12 7.27
CA ALA C 85 41.72 4.90 7.55
C ALA C 85 41.46 4.09 6.31
N ASP C 86 40.79 2.94 6.48
CA ASP C 86 40.32 2.16 5.34
C ASP C 86 38.88 2.52 4.97
N TYR C 87 38.60 2.61 3.67
CA TYR C 87 37.26 2.93 3.22
C TYR C 87 36.74 1.84 2.30
N TYR C 88 35.51 1.39 2.57
CA TYR C 88 34.87 0.33 1.78
C TYR C 88 33.52 0.76 1.22
N CYS C 89 33.25 0.42 -0.04
CA CYS C 89 31.86 0.50 -0.51
C CYS C 89 31.23 -0.88 -0.44
N ALA C 90 29.91 -0.90 -0.28
CA ALA C 90 29.16 -2.15 -0.29
C ALA C 90 27.84 -1.94 -0.99
N SER C 91 27.26 -3.00 -1.53
CA SER C 91 25.86 -2.93 -1.98
C SER C 91 25.25 -4.30 -2.10
N TRP C 92 23.93 -4.36 -2.23
CA TRP C 92 23.31 -5.64 -2.55
C TRP C 92 23.67 -6.02 -3.99
N ASP C 93 23.81 -7.31 -4.26
CA ASP C 93 23.98 -7.78 -5.63
C ASP C 93 22.88 -8.76 -5.98
N ASP C 94 22.03 -8.39 -6.95
CA ASP C 94 20.84 -9.17 -7.28
C ASP C 94 21.12 -10.53 -7.93
N SER C 95 22.30 -10.71 -8.50
CA SER C 95 22.63 -12.01 -9.06
C SER C 95 23.33 -12.90 -8.02
N LEU C 96 24.12 -12.29 -7.15
CA LEU C 96 24.74 -13.03 -6.06
C LEU C 96 23.73 -13.38 -4.97
N ASN C 97 22.65 -12.61 -4.93
CA ASN C 97 21.63 -12.71 -3.89
C ASN C 97 22.15 -12.52 -2.48
N GLY C 98 23.00 -11.52 -2.31
CA GLY C 98 23.62 -11.22 -1.04
C GLY C 98 24.32 -9.88 -1.11
N VAL C 99 25.06 -9.53 -0.06
CA VAL C 99 25.81 -8.28 -0.03
C VAL C 99 27.23 -8.48 -0.58
N VAL C 100 27.75 -7.50 -1.29
CA VAL C 100 29.15 -7.52 -1.69
C VAL C 100 29.87 -6.28 -1.22
N PHE C 101 31.14 -6.44 -0.86
CA PHE C 101 32.00 -5.32 -0.45
C PHE C 101 33.10 -5.06 -1.47
N GLY C 102 33.55 -3.81 -1.52
CA GLY C 102 34.70 -3.47 -2.34
C GLY C 102 35.95 -3.90 -1.62
N GLY C 103 37.06 -3.97 -2.34
CA GLY C 103 38.30 -4.42 -1.76
C GLY C 103 38.93 -3.43 -0.80
N GLY C 104 38.31 -2.29 -0.61
CA GLY C 104 38.84 -1.28 0.26
C GLY C 104 39.88 -0.35 -0.34
N THR C 105 39.91 0.87 0.18
CA THR C 105 40.94 1.83 -0.19
C THR C 105 41.58 2.38 1.08
N LYS C 106 42.89 2.25 1.17
CA LYS C 106 43.62 2.82 2.28
C LYS C 106 43.93 4.29 1.99
N LEU C 107 43.35 5.18 2.79
CA LEU C 107 43.61 6.61 2.66
C LEU C 107 44.70 7.03 3.65
N THR C 108 45.79 7.60 3.14
CA THR C 108 46.87 8.07 3.99
C THR C 108 46.90 9.61 4.00
N VAL C 109 46.82 10.19 5.19
CA VAL C 109 46.93 11.62 5.31
C VAL C 109 48.38 11.94 5.56
N LEU C 110 48.96 12.75 4.68
CA LEU C 110 50.38 13.06 4.71
C LEU C 110 50.64 14.41 5.35
N GLY C 111 51.91 14.74 5.54
CA GLY C 111 52.28 16.04 6.04
C GLY C 111 52.06 16.15 7.53
N GLN C 112 52.60 15.19 8.27
CA GLN C 112 52.64 15.25 9.73
C GLN C 112 54.02 15.79 10.12
N PRO C 113 54.11 16.49 11.25
CA PRO C 113 55.44 16.93 11.69
C PRO C 113 56.28 15.72 12.09
N LYS C 114 57.58 15.76 11.77
CA LYS C 114 58.51 14.72 12.20
C LYS C 114 58.63 14.72 13.72
N ALA C 115 58.31 13.60 14.35
CA ALA C 115 58.33 13.51 15.80
C ALA C 115 59.26 12.40 16.29
N ALA C 116 60.07 12.72 17.30
CA ALA C 116 61.04 11.77 17.86
C ALA C 116 60.33 10.79 18.79
N PRO C 117 60.87 9.57 18.92
CA PRO C 117 60.25 8.51 19.72
C PRO C 117 60.47 8.62 21.23
N SER C 118 59.40 8.39 21.99
CA SER C 118 59.48 8.29 23.45
C SER C 118 59.84 6.86 23.81
N VAL C 119 60.91 6.68 24.58
CA VAL C 119 61.34 5.35 24.96
C VAL C 119 61.29 5.16 26.46
N THR C 120 60.65 4.07 26.89
CA THR C 120 60.56 3.73 28.30
C THR C 120 61.06 2.29 28.50
N LEU C 121 62.10 2.13 29.31
CA LEU C 121 62.73 0.81 29.48
C LEU C 121 62.46 0.23 30.87
N PHE C 122 62.14 -1.05 30.92
CA PHE C 122 61.84 -1.71 32.18
C PHE C 122 62.76 -2.92 32.39
N PRO C 123 63.10 -3.19 33.67
CA PRO C 123 63.92 -4.34 34.05
C PRO C 123 63.07 -5.57 34.39
N PRO C 124 63.69 -6.76 34.48
CA PRO C 124 62.98 -7.96 34.96
C PRO C 124 62.40 -7.73 36.35
N SER C 125 61.13 -8.09 36.56
CA SER C 125 60.46 -7.85 37.84
C SER C 125 60.91 -8.81 38.96
N SER C 126 60.27 -8.71 40.12
CA SER C 126 60.57 -9.63 41.21
C SER C 126 60.15 -11.05 40.87
N GLU C 127 58.89 -11.21 40.45
CA GLU C 127 58.35 -12.52 40.15
C GLU C 127 59.11 -13.21 39.04
N GLU C 128 59.43 -12.45 38.00
CA GLU C 128 60.02 -13.03 36.81
C GLU C 128 61.45 -13.48 37.08
N LEU C 129 62.20 -12.65 37.77
CA LEU C 129 63.53 -13.03 38.23
C LEU C 129 63.47 -14.32 39.05
N GLN C 130 62.36 -14.51 39.76
CA GLN C 130 62.17 -15.71 40.58
C GLN C 130 61.89 -16.97 39.76
N ALA C 131 61.28 -16.81 38.59
CA ALA C 131 60.95 -17.97 37.77
C ALA C 131 62.10 -18.39 36.83
N ASN C 132 63.31 -17.93 37.14
CA ASN C 132 64.51 -18.32 36.39
C ASN C 132 64.54 -17.84 34.93
N LYS C 133 63.80 -16.77 34.65
CA LYS C 133 63.81 -16.12 33.33
C LYS C 133 64.00 -14.61 33.47
N ALA C 134 64.52 -13.97 32.43
CA ALA C 134 64.76 -12.53 32.48
C ALA C 134 64.35 -11.84 31.18
N THR C 135 63.43 -10.88 31.29
CA THR C 135 62.96 -10.13 30.13
C THR C 135 63.02 -8.62 30.34
N LEU C 136 63.82 -7.96 29.50
CA LEU C 136 63.82 -6.51 29.41
C LEU C 136 62.82 -6.03 28.35
N VAL C 137 62.14 -4.92 28.64
CA VAL C 137 61.09 -4.43 27.76
C VAL C 137 61.37 -2.99 27.31
N CYS C 138 61.41 -2.76 26.00
CA CYS C 138 61.67 -1.42 25.48
C CYS C 138 60.45 -0.89 24.74
N LEU C 139 59.77 0.09 25.33
CA LEU C 139 58.51 0.60 24.77
C LEU C 139 58.67 1.93 24.02
N ILE C 140 58.41 1.90 22.72
CA ILE C 140 58.71 3.01 21.82
C ILE C 140 57.45 3.57 21.19
N SER C 141 57.20 4.86 21.37
CA SER C 141 55.94 5.46 20.91
C SER C 141 56.06 6.85 20.28
N ASP C 142 54.95 7.30 19.69
CA ASP C 142 54.76 8.69 19.23
C ASP C 142 55.80 9.20 18.23
N PHE C 143 56.25 8.36 17.31
CA PHE C 143 57.22 8.80 16.32
C PHE C 143 56.68 8.83 14.89
N TYR C 144 57.46 9.42 13.99
CA TYR C 144 57.09 9.63 12.59
C TYR C 144 58.28 10.20 11.82
N PRO C 145 58.66 9.58 10.68
CA PRO C 145 58.03 8.41 10.05
C PRO C 145 58.21 7.11 10.83
N GLY C 146 57.36 6.13 10.56
CA GLY C 146 57.32 4.90 11.32
C GLY C 146 58.41 3.89 11.01
N ALA C 147 59.65 4.24 11.30
CA ALA C 147 60.76 3.33 11.03
C ALA C 147 61.93 3.56 11.99
N VAL C 148 62.23 2.55 12.79
CA VAL C 148 63.29 2.61 13.78
C VAL C 148 64.11 1.33 13.76
N THR C 149 65.40 1.47 14.03
CA THR C 149 66.25 0.30 14.22
C THR C 149 66.57 0.14 15.71
N VAL C 150 66.49 -1.08 16.20
CA VAL C 150 66.74 -1.35 17.62
C VAL C 150 68.01 -2.18 17.83
N ALA C 151 68.92 -1.65 18.65
CA ALA C 151 70.14 -2.36 19.00
C ALA C 151 70.24 -2.48 20.51
N TRP C 152 70.49 -3.68 21.01
CA TRP C 152 70.61 -3.91 22.45
C TRP C 152 72.06 -3.88 22.93
N LYS C 153 72.30 -3.25 24.08
CA LYS C 153 73.63 -3.13 24.66
C LYS C 153 73.73 -3.77 26.05
N ALA C 154 74.82 -4.47 26.30
CA ALA C 154 75.12 -4.97 27.65
C ALA C 154 76.34 -4.22 28.18
N ASP C 155 76.10 -3.31 29.14
CA ASP C 155 77.10 -2.32 29.59
C ASP C 155 77.50 -1.39 28.44
N SER C 156 78.24 -1.94 27.50
CA SER C 156 78.67 -1.21 26.32
C SER C 156 78.78 -2.19 25.16
N SER C 157 78.68 -3.47 25.48
CA SER C 157 78.84 -4.55 24.51
C SER C 157 77.50 -4.90 23.84
N PRO C 158 77.46 -4.79 22.50
CA PRO C 158 76.23 -5.06 21.75
C PRO C 158 75.84 -6.55 21.81
N VAL C 159 74.53 -6.83 21.84
CA VAL C 159 74.03 -8.20 21.89
C VAL C 159 72.93 -8.41 20.85
N LYS C 160 73.15 -9.34 19.91
CA LYS C 160 72.17 -9.63 18.85
C LYS C 160 71.31 -10.85 19.16
N ALA C 161 71.75 -11.64 20.15
CA ALA C 161 71.11 -12.91 20.48
C ALA C 161 69.95 -12.78 21.48
N GLY C 162 68.79 -13.33 21.10
CA GLY C 162 67.64 -13.38 21.99
C GLY C 162 66.67 -12.22 21.81
N VAL C 163 66.85 -11.47 20.73
CA VAL C 163 66.06 -10.27 20.49
C VAL C 163 64.88 -10.52 19.56
N GLU C 164 63.70 -10.04 19.98
CA GLU C 164 62.50 -10.01 19.17
C GLU C 164 62.07 -8.56 19.07
N THR C 165 61.73 -8.09 17.88
CA THR C 165 61.27 -6.71 17.74
C THR C 165 60.09 -6.57 16.79
N THR C 166 59.00 -6.01 17.30
CA THR C 166 57.80 -5.80 16.49
C THR C 166 58.02 -4.71 15.46
N THR C 167 57.50 -4.93 14.26
CA THR C 167 57.44 -3.91 13.22
C THR C 167 56.54 -2.79 13.72
N PRO C 168 56.83 -1.54 13.33
CA PRO C 168 56.06 -0.37 13.76
C PRO C 168 54.59 -0.49 13.36
N SER C 169 53.73 0.32 13.98
CA SER C 169 52.29 0.26 13.70
C SER C 169 51.57 1.49 14.25
N LYS C 170 50.78 2.12 13.37
CA LYS C 170 50.03 3.34 13.69
C LYS C 170 49.20 3.26 14.99
N GLN C 171 49.35 4.28 15.83
CA GLN C 171 48.53 4.44 17.01
C GLN C 171 47.27 5.18 16.58
N SER C 172 46.45 5.56 17.56
CA SER C 172 45.27 6.37 17.27
C SER C 172 45.70 7.70 16.68
N ASN C 173 46.56 8.42 17.42
CA ASN C 173 47.00 9.76 17.03
C ASN C 173 47.99 9.82 15.87
N ASN C 174 47.86 8.88 14.93
CA ASN C 174 48.63 8.89 13.68
C ASN C 174 50.15 8.67 13.74
N LYS C 175 50.74 8.80 14.92
CA LYS C 175 52.15 8.50 15.11
C LYS C 175 52.30 6.99 15.40
N TYR C 176 53.50 6.46 15.22
CA TYR C 176 53.72 5.01 15.34
C TYR C 176 54.25 4.55 16.70
N ALA C 177 54.00 3.28 17.00
CA ALA C 177 54.48 2.64 18.23
C ALA C 177 55.28 1.41 17.85
N ALA C 178 56.12 0.92 18.77
CA ALA C 178 56.88 -0.30 18.54
C ALA C 178 57.50 -0.83 19.84
N SER C 179 57.73 -2.13 19.91
CA SER C 179 58.37 -2.74 21.08
C SER C 179 59.56 -3.62 20.71
N SER C 180 60.41 -3.88 21.70
CA SER C 180 61.55 -4.79 21.54
C SER C 180 61.81 -5.53 22.86
N TYR C 181 61.97 -6.85 22.78
CA TYR C 181 62.13 -7.70 23.95
C TYR C 181 63.46 -8.45 23.93
N LEU C 182 64.33 -8.17 24.89
CA LEU C 182 65.58 -8.91 25.06
C LEU C 182 65.44 -9.93 26.18
N SER C 183 65.47 -11.21 25.83
CA SER C 183 65.36 -12.29 26.81
C SER C 183 66.74 -12.77 27.26
N LEU C 184 66.85 -13.12 28.53
CA LEU C 184 68.13 -13.49 29.12
C LEU C 184 67.98 -14.66 30.07
N THR C 185 69.12 -15.18 30.53
CA THR C 185 69.15 -15.97 31.76
C THR C 185 69.30 -14.96 32.88
N PRO C 186 68.72 -15.24 34.07
CA PRO C 186 68.83 -14.29 35.18
C PRO C 186 70.29 -14.08 35.59
N GLU C 187 71.13 -15.05 35.28
CA GLU C 187 72.55 -14.96 35.58
C GLU C 187 73.23 -13.91 34.71
N GLN C 188 72.76 -13.75 33.48
CA GLN C 188 73.27 -12.72 32.58
C GLN C 188 72.87 -11.32 33.05
N TRP C 189 71.73 -11.23 33.74
CA TRP C 189 71.20 -9.95 34.21
C TRP C 189 71.86 -9.44 35.50
N LYS C 190 72.22 -10.36 36.39
CA LYS C 190 72.86 -10.00 37.66
C LYS C 190 74.39 -9.91 37.54
N SER C 191 74.93 -10.18 36.36
CA SER C 191 76.38 -10.17 36.14
C SER C 191 76.89 -8.82 35.64
N HIS C 192 76.32 -8.32 34.55
CA HIS C 192 76.62 -6.98 34.05
C HIS C 192 76.06 -5.94 35.01
N ARG C 193 76.61 -4.74 35.00
CA ARG C 193 76.18 -3.70 35.93
C ARG C 193 74.96 -2.94 35.43
N SER C 194 74.70 -3.03 34.12
CA SER C 194 73.56 -2.35 33.51
C SER C 194 73.31 -2.82 32.08
N TYR C 195 72.11 -2.57 31.58
CA TYR C 195 71.77 -2.84 30.19
C TYR C 195 71.17 -1.58 29.55
N SER C 196 71.18 -1.52 28.22
CA SER C 196 70.66 -0.36 27.52
C SER C 196 69.93 -0.70 26.21
N CYS C 197 69.01 0.18 25.84
CA CYS C 197 68.21 0.00 24.63
C CYS C 197 68.39 1.22 23.74
N GLN C 198 69.20 1.08 22.69
CA GLN C 198 69.40 2.17 21.75
C GLN C 198 68.37 2.12 20.63
N VAL C 199 67.75 3.27 20.36
CA VAL C 199 66.73 3.38 19.32
C VAL C 199 67.10 4.47 18.33
N THR C 200 67.21 4.09 17.06
CA THR C 200 67.60 5.04 16.04
C THR C 200 66.40 5.48 15.21
N HIS C 201 66.15 6.78 15.17
CA HIS C 201 65.07 7.32 14.37
C HIS C 201 65.54 8.54 13.58
N GLU C 202 65.58 8.39 12.25
CA GLU C 202 66.04 9.44 11.34
C GLU C 202 67.45 9.92 11.67
N GLY C 203 68.40 8.99 11.77
CA GLY C 203 69.79 9.32 12.01
C GLY C 203 70.07 10.00 13.34
N SER C 204 69.18 9.77 14.30
CA SER C 204 69.28 10.36 15.63
C SER C 204 68.97 9.31 16.71
N THR C 205 69.91 9.06 17.60
CA THR C 205 69.79 7.97 18.57
C THR C 205 69.33 8.40 19.97
N VAL C 206 68.24 7.78 20.42
CA VAL C 206 67.67 8.02 21.75
C VAL C 206 67.83 6.75 22.61
N GLU C 207 68.50 6.87 23.75
CA GLU C 207 68.69 5.71 24.62
C GLU C 207 68.18 5.93 26.04
N LYS C 208 67.80 4.83 26.69
CA LYS C 208 67.47 4.82 28.11
C LYS C 208 68.22 3.65 28.76
N THR C 209 68.41 3.69 30.06
CA THR C 209 69.23 2.68 30.74
C THR C 209 68.61 2.14 32.03
N VAL C 210 68.79 0.84 32.28
CA VAL C 210 68.30 0.21 33.52
C VAL C 210 69.36 -0.70 34.17
N ALA C 211 69.27 -0.85 35.50
CA ALA C 211 70.30 -1.55 36.27
C ALA C 211 69.72 -2.45 37.37
N PRO C 212 70.48 -3.49 37.79
CA PRO C 212 70.14 -4.41 38.89
C PRO C 212 69.86 -3.76 40.25
N THR C 213 70.37 -2.55 40.46
CA THR C 213 70.16 -1.85 41.72
C THR C 213 69.60 -0.44 41.48
N GLU D 1 20.83 3.06 19.66
CA GLU D 1 20.25 2.64 20.94
C GLU D 1 20.76 1.25 21.36
N VAL D 2 20.46 0.26 20.52
CA VAL D 2 20.88 -1.11 20.76
C VAL D 2 22.38 -1.24 20.57
N GLN D 3 23.01 -2.11 21.36
CA GLN D 3 24.43 -2.44 21.21
C GLN D 3 24.52 -3.96 21.03
N LEU D 4 25.47 -4.41 20.21
CA LEU D 4 25.68 -5.83 20.01
C LEU D 4 26.93 -6.27 20.75
N VAL D 5 26.84 -7.37 21.49
CA VAL D 5 28.03 -7.96 22.12
C VAL D 5 28.26 -9.40 21.65
N GLU D 6 29.43 -9.63 21.05
CA GLU D 6 29.76 -10.95 20.55
C GLU D 6 30.45 -11.76 21.61
N SER D 7 30.47 -13.07 21.43
CA SER D 7 31.14 -13.99 22.34
C SER D 7 32.67 -13.83 22.28
N GLY D 8 33.37 -14.57 23.13
CA GLY D 8 34.80 -14.38 23.30
C GLY D 8 35.63 -15.06 22.25
N ALA D 9 36.90 -14.65 22.16
CA ALA D 9 37.85 -15.18 21.19
C ALA D 9 38.00 -16.68 21.37
N GLU D 10 38.16 -17.41 20.27
CA GLU D 10 38.37 -18.85 20.32
C GLU D 10 39.58 -19.27 19.50
N VAL D 11 39.98 -20.53 19.67
CA VAL D 11 40.99 -21.14 18.82
C VAL D 11 40.50 -22.52 18.43
N LYS D 12 40.64 -22.87 17.15
CA LYS D 12 40.10 -24.13 16.66
C LYS D 12 41.11 -24.93 15.82
N LYS D 13 41.07 -26.27 15.95
CA LYS D 13 41.84 -27.15 15.07
C LYS D 13 41.20 -27.14 13.69
N PRO D 14 42.00 -27.30 12.63
CA PRO D 14 41.39 -27.37 11.30
C PRO D 14 40.42 -28.55 11.22
N GLY D 15 39.32 -28.37 10.49
CA GLY D 15 38.35 -29.43 10.34
C GLY D 15 37.19 -29.24 11.29
N SER D 16 37.49 -28.69 12.46
CA SER D 16 36.49 -28.46 13.48
C SER D 16 35.49 -27.37 13.10
N SER D 17 34.53 -27.13 13.98
CA SER D 17 33.43 -26.21 13.74
C SER D 17 33.40 -25.10 14.81
N VAL D 18 32.94 -23.91 14.45
CA VAL D 18 32.91 -22.82 15.42
C VAL D 18 31.56 -22.10 15.39
N LYS D 19 31.10 -21.70 16.57
CA LYS D 19 29.82 -21.01 16.70
C LYS D 19 29.99 -19.75 17.55
N VAL D 20 29.79 -18.60 16.93
CA VAL D 20 29.95 -17.31 17.58
C VAL D 20 28.56 -16.79 17.85
N SER D 21 28.37 -16.12 18.98
CA SER D 21 27.06 -15.55 19.31
C SER D 21 27.06 -14.02 19.22
N CYS D 22 25.90 -13.45 19.00
CA CYS D 22 25.74 -12.01 18.94
C CYS D 22 24.55 -11.66 19.82
N ARG D 23 24.78 -10.94 20.90
CA ARG D 23 23.66 -10.59 21.78
C ARG D 23 23.32 -9.11 21.70
N ALA D 24 22.13 -8.79 21.19
CA ALA D 24 21.61 -7.42 21.23
C ALA D 24 21.18 -7.00 22.65
N SER D 25 21.26 -5.70 22.93
CA SER D 25 20.88 -5.17 24.23
C SER D 25 19.44 -4.72 24.21
N GLY D 26 18.73 -5.09 23.15
CA GLY D 26 17.34 -4.73 22.99
C GLY D 26 16.79 -5.44 21.77
N THR D 27 15.47 -5.34 21.57
CA THR D 27 14.86 -6.05 20.46
C THR D 27 15.47 -5.54 19.18
N PHE D 28 15.86 -6.50 18.34
CA PHE D 28 16.69 -6.24 17.18
C PHE D 28 16.40 -7.38 16.23
N TYR D 29 15.15 -7.51 15.82
CA TYR D 29 14.70 -8.71 15.11
C TYR D 29 14.07 -8.45 13.74
N LYS D 30 13.61 -7.22 13.51
CA LYS D 30 12.84 -6.88 12.30
C LYS D 30 13.66 -6.67 11.02
N TYR D 31 14.97 -6.53 11.14
CA TYR D 31 15.79 -6.21 9.98
C TYR D 31 17.03 -7.10 9.93
N ALA D 32 17.78 -7.04 8.84
CA ALA D 32 18.80 -8.06 8.56
C ALA D 32 20.02 -7.92 9.42
N ILE D 33 20.32 -8.97 10.18
CA ILE D 33 21.53 -9.05 10.99
C ILE D 33 22.63 -9.68 10.17
N ASN D 34 23.73 -8.96 10.00
CA ASN D 34 24.79 -9.36 9.07
C ASN D 34 26.02 -9.89 9.77
N TRP D 35 26.69 -10.87 9.16
CA TRP D 35 28.00 -11.31 9.65
C TRP D 35 29.08 -10.98 8.64
N VAL D 36 30.13 -10.33 9.10
CA VAL D 36 31.20 -9.85 8.21
C VAL D 36 32.52 -10.09 8.89
N ARG D 37 33.45 -10.71 8.16
CA ARG D 37 34.74 -11.05 8.75
C ARG D 37 35.89 -10.27 8.14
N GLN D 38 37.04 -10.32 8.81
CA GLN D 38 38.27 -9.79 8.25
C GLN D 38 39.45 -10.66 8.62
N ALA D 39 39.99 -11.37 7.64
CA ALA D 39 41.19 -12.17 7.82
C ALA D 39 42.39 -11.25 7.81
N PRO D 40 43.50 -11.68 8.44
CA PRO D 40 44.70 -10.82 8.44
C PRO D 40 45.11 -10.41 7.03
N GLY D 41 45.24 -9.09 6.82
CA GLY D 41 45.70 -8.54 5.56
C GLY D 41 44.67 -8.46 4.45
N GLN D 42 43.44 -8.87 4.73
CA GLN D 42 42.38 -8.81 3.74
C GLN D 42 41.37 -7.73 4.07
N GLY D 43 40.57 -7.34 3.08
CA GLY D 43 39.46 -6.44 3.30
C GLY D 43 38.29 -7.19 3.93
N LEU D 44 37.20 -6.46 4.18
CA LEU D 44 36.05 -7.04 4.82
C LEU D 44 35.40 -8.02 3.87
N GLU D 45 34.98 -9.16 4.41
CA GLU D 45 34.28 -10.17 3.60
C GLU D 45 32.90 -10.49 4.23
N TRP D 46 31.86 -10.38 3.42
CA TRP D 46 30.49 -10.60 3.91
C TRP D 46 30.19 -12.08 3.90
N MET D 47 29.81 -12.62 5.05
CA MET D 47 29.50 -14.04 5.21
C MET D 47 28.05 -14.32 4.85
N GLY D 48 27.15 -13.60 5.51
CA GLY D 48 25.73 -13.72 5.22
C GLY D 48 24.88 -12.99 6.24
N GLY D 49 23.56 -13.08 6.11
CA GLY D 49 22.68 -12.44 7.07
C GLY D 49 21.41 -13.23 7.40
N ILE D 50 20.83 -12.96 8.57
CA ILE D 50 19.52 -13.51 8.89
C ILE D 50 18.54 -12.38 9.18
N ILE D 51 17.25 -12.57 8.87
CA ILE D 51 16.23 -11.63 9.29
C ILE D 51 15.37 -12.32 10.34
N PRO D 52 15.70 -12.10 11.63
CA PRO D 52 15.15 -12.87 12.74
C PRO D 52 13.64 -13.04 12.69
N PHE D 53 12.91 -11.99 12.33
CA PHE D 53 11.45 -12.03 12.23
C PHE D 53 10.95 -13.22 11.40
N PHE D 54 11.49 -13.40 10.21
CA PHE D 54 11.05 -14.50 9.33
C PHE D 54 11.94 -15.73 9.41
N GLY D 55 13.09 -15.61 10.09
CA GLY D 55 14.09 -16.66 10.11
C GLY D 55 14.85 -16.83 8.80
N THR D 56 14.74 -15.84 7.91
CA THR D 56 15.25 -15.93 6.54
C THR D 56 16.74 -15.73 6.45
N THR D 57 17.43 -16.63 5.74
CA THR D 57 18.88 -16.51 5.61
C THR D 57 19.37 -16.22 4.20
N ASN D 58 20.43 -15.43 4.11
CA ASN D 58 21.16 -15.28 2.86
C ASN D 58 22.64 -15.52 3.07
N TYR D 59 23.22 -16.42 2.30
CA TYR D 59 24.63 -16.74 2.46
C TYR D 59 25.41 -16.40 1.21
N ALA D 60 26.62 -15.89 1.38
CA ALA D 60 27.57 -15.86 0.27
C ALA D 60 27.83 -17.30 -0.23
N GLN D 61 27.64 -17.53 -1.52
CA GLN D 61 27.80 -18.86 -2.12
C GLN D 61 29.12 -19.58 -1.75
N LYS D 62 30.18 -18.81 -1.53
CA LYS D 62 31.49 -19.34 -1.16
C LYS D 62 31.42 -20.18 0.12
N PHE D 63 30.46 -19.88 0.98
CA PHE D 63 30.34 -20.59 2.25
C PHE D 63 29.17 -21.57 2.31
N GLN D 64 28.41 -21.70 1.22
CA GLN D 64 27.24 -22.57 1.24
C GLN D 64 27.60 -23.99 1.66
N GLY D 65 26.89 -24.47 2.67
CA GLY D 65 27.12 -25.80 3.15
C GLY D 65 27.88 -25.84 4.44
N ARG D 66 28.75 -24.86 4.67
CA ARG D 66 29.44 -24.86 5.97
C ARG D 66 29.11 -23.65 6.82
N LEU D 67 28.31 -22.73 6.29
CA LEU D 67 27.92 -21.57 7.07
C LEU D 67 26.45 -21.66 7.49
N THR D 68 26.19 -21.55 8.79
CA THR D 68 24.81 -21.56 9.27
C THR D 68 24.60 -20.40 10.20
N ILE D 69 23.64 -19.55 9.85
CA ILE D 69 23.33 -18.36 10.63
C ILE D 69 21.95 -18.52 11.20
N THR D 70 21.86 -18.28 12.51
CA THR D 70 20.73 -18.74 13.26
C THR D 70 20.34 -17.65 14.27
N ALA D 71 19.10 -17.65 14.74
CA ALA D 71 18.64 -16.60 15.66
C ALA D 71 17.60 -17.11 16.61
N ASP D 72 17.61 -16.54 17.80
CA ASP D 72 16.65 -16.92 18.83
C ASP D 72 15.97 -15.67 19.38
N GLY D 73 14.65 -15.63 19.24
CA GLY D 73 13.89 -14.41 19.47
C GLY D 73 13.75 -13.98 20.91
N SER D 74 13.67 -14.96 21.81
CA SER D 74 13.45 -14.65 23.22
C SER D 74 14.66 -14.01 23.89
N THR D 75 15.87 -14.43 23.50
CA THR D 75 17.07 -13.94 24.14
C THR D 75 17.81 -12.89 23.32
N ASN D 76 17.16 -12.43 22.25
CA ASN D 76 17.74 -11.43 21.36
C ASN D 76 19.16 -11.77 20.90
N THR D 77 19.38 -13.00 20.48
CA THR D 77 20.72 -13.45 20.10
C THR D 77 20.75 -14.02 18.69
N ALA D 78 21.76 -13.63 17.91
CA ALA D 78 22.03 -14.24 16.61
C ALA D 78 23.30 -15.07 16.71
N TYR D 79 23.37 -16.17 15.98
CA TYR D 79 24.56 -17.02 15.99
C TYR D 79 25.12 -17.24 14.59
N MET D 80 26.43 -17.41 14.51
CA MET D 80 27.07 -17.78 13.26
C MET D 80 27.88 -19.06 13.48
N GLN D 81 27.59 -20.09 12.68
CA GLN D 81 28.34 -21.35 12.77
C GLN D 81 29.09 -21.64 11.48
N LEU D 82 30.39 -21.89 11.59
CA LEU D 82 31.22 -22.14 10.43
C LEU D 82 31.93 -23.46 10.63
N ASP D 83 31.65 -24.42 9.74
CA ASP D 83 32.22 -25.78 9.86
C ASP D 83 33.47 -25.93 8.99
N SER D 84 34.13 -27.08 9.15
CA SER D 84 35.28 -27.46 8.31
C SER D 84 36.30 -26.34 8.21
N LEU D 85 36.70 -25.79 9.36
CA LEU D 85 37.59 -24.65 9.37
C LEU D 85 38.95 -24.93 8.72
N ARG D 86 39.29 -24.12 7.74
CA ARG D 86 40.62 -24.09 7.16
C ARG D 86 41.33 -22.93 7.85
N SER D 87 42.62 -22.72 7.57
CA SER D 87 43.32 -21.61 8.20
C SER D 87 42.90 -20.25 7.61
N GLU D 88 42.43 -20.25 6.36
CA GLU D 88 41.87 -19.03 5.77
C GLU D 88 40.71 -18.47 6.58
N ASP D 89 40.14 -19.28 7.47
CA ASP D 89 39.00 -18.80 8.25
C ASP D 89 39.45 -18.03 9.49
N THR D 90 40.76 -18.05 9.76
CA THR D 90 41.31 -17.20 10.79
C THR D 90 41.02 -15.74 10.44
N ALA D 91 40.25 -15.09 11.30
CA ALA D 91 39.77 -13.75 11.01
C ALA D 91 39.08 -13.16 12.22
N VAL D 92 38.79 -11.86 12.17
CA VAL D 92 37.90 -11.28 13.16
C VAL D 92 36.49 -11.31 12.61
N TYR D 93 35.55 -11.88 13.36
CA TYR D 93 34.17 -12.00 12.88
C TYR D 93 33.28 -10.96 13.55
N TYR D 94 32.71 -10.05 12.77
CA TYR D 94 31.79 -9.03 13.29
C TYR D 94 30.34 -9.40 13.01
N CYS D 95 29.44 -9.02 13.91
CA CYS D 95 28.02 -9.04 13.61
C CYS D 95 27.52 -7.59 13.59
N ALA D 96 26.60 -7.30 12.69
CA ALA D 96 26.15 -5.93 12.56
C ALA D 96 24.74 -5.83 12.00
N GLY D 97 24.06 -4.73 12.31
CA GLY D 97 22.71 -4.52 11.81
C GLY D 97 22.39 -3.04 11.72
N PRO D 98 21.22 -2.69 11.14
CA PRO D 98 20.80 -1.31 10.95
C PRO D 98 20.01 -0.85 12.15
N SER D 99 19.86 0.46 12.31
CA SER D 99 19.09 0.96 13.43
C SER D 99 17.72 1.53 13.04
N ILE D 100 17.34 1.45 11.76
CA ILE D 100 16.05 1.95 11.27
C ILE D 100 14.88 1.49 12.12
N THR D 101 13.87 2.35 12.20
CA THR D 101 12.58 1.97 12.74
C THR D 101 11.49 2.33 11.73
N GLU D 102 10.34 1.66 11.82
CA GLU D 102 9.25 1.91 10.89
C GLU D 102 7.87 1.81 11.54
N SER D 103 7.07 2.85 11.41
CA SER D 103 5.71 2.79 11.93
C SER D 103 4.88 1.78 11.13
N HIS D 104 5.14 1.67 9.83
CA HIS D 104 4.46 0.70 8.96
C HIS D 104 5.44 -0.28 8.35
N TYR D 105 5.46 -1.50 8.89
CA TYR D 105 6.41 -2.55 8.50
C TYR D 105 5.83 -3.37 7.35
N CYS D 106 6.69 -4.00 6.58
CA CYS D 106 6.20 -4.81 5.46
C CYS D 106 6.33 -6.29 5.79
N LEU D 107 5.22 -7.00 5.79
CA LEU D 107 5.29 -8.39 6.21
C LEU D 107 5.64 -9.39 5.11
N ASP D 108 5.87 -8.94 3.88
CA ASP D 108 6.08 -9.87 2.77
C ASP D 108 7.00 -9.40 1.64
N CYS D 109 7.88 -8.44 1.91
CA CYS D 109 8.81 -7.98 0.88
C CYS D 109 9.89 -9.01 0.58
N ALA D 110 10.77 -8.67 -0.35
CA ALA D 110 11.89 -9.54 -0.65
C ALA D 110 12.99 -9.37 0.41
N ALA D 111 13.80 -10.42 0.63
CA ALA D 111 14.87 -10.36 1.64
C ALA D 111 15.63 -9.05 1.57
N LYS D 112 16.06 -8.68 0.37
CA LYS D 112 16.92 -7.52 0.20
C LYS D 112 16.31 -6.22 0.75
N ASP D 113 14.98 -6.15 0.83
CA ASP D 113 14.31 -4.95 1.34
C ASP D 113 14.54 -4.79 2.84
N TYR D 114 14.98 -5.86 3.49
CA TYR D 114 15.24 -5.82 4.93
C TYR D 114 16.71 -5.55 5.25
N TYR D 115 17.57 -5.48 4.23
CA TYR D 115 18.99 -5.15 4.44
C TYR D 115 19.21 -3.65 4.29
N TYR D 116 19.81 -3.04 5.32
CA TYR D 116 20.12 -1.61 5.33
C TYR D 116 21.56 -1.40 5.77
N GLY D 117 22.06 -0.19 5.57
CA GLY D 117 23.43 0.15 5.93
C GLY D 117 23.69 -0.22 7.37
N LEU D 118 24.82 -0.88 7.64
CA LEU D 118 25.12 -1.37 8.97
C LEU D 118 25.76 -0.29 9.85
N ASP D 119 24.99 0.21 10.83
CA ASP D 119 25.47 1.29 11.69
C ASP D 119 25.59 0.89 13.16
N VAL D 120 25.30 -0.36 13.46
CA VAL D 120 25.53 -0.90 14.78
C VAL D 120 26.34 -2.16 14.61
N TRP D 121 27.56 -2.17 15.15
CA TRP D 121 28.46 -3.30 15.02
C TRP D 121 28.78 -3.90 16.38
N GLY D 122 29.03 -5.20 16.40
CA GLY D 122 29.60 -5.84 17.58
C GLY D 122 31.08 -5.49 17.65
N GLN D 123 31.75 -5.93 18.70
CA GLN D 123 33.18 -5.59 18.85
C GLN D 123 34.05 -6.50 17.98
N GLY D 124 33.53 -7.66 17.63
CA GLY D 124 34.26 -8.60 16.83
C GLY D 124 34.84 -9.72 17.66
N THR D 125 34.85 -10.92 17.10
CA THR D 125 35.39 -12.10 17.77
C THR D 125 36.54 -12.66 16.95
N THR D 126 37.73 -12.75 17.55
CA THR D 126 38.87 -13.34 16.87
C THR D 126 38.78 -14.86 16.98
N VAL D 127 38.61 -15.52 15.83
CA VAL D 127 38.72 -16.97 15.74
C VAL D 127 40.06 -17.25 15.06
N THR D 128 40.91 -18.04 15.69
CA THR D 128 42.20 -18.39 15.11
C THR D 128 42.23 -19.91 14.87
N VAL D 129 42.51 -20.31 13.65
CA VAL D 129 42.47 -21.73 13.29
C VAL D 129 43.89 -22.32 13.24
N SER D 130 44.25 -23.12 14.24
CA SER D 130 45.61 -23.65 14.33
C SER D 130 45.67 -25.00 15.05
N SER D 131 46.78 -25.71 14.82
CA SER D 131 47.00 -27.02 15.42
C SER D 131 47.70 -26.86 16.78
N ALA D 132 48.31 -25.70 16.99
CA ALA D 132 49.11 -25.45 18.18
C ALA D 132 48.27 -25.44 19.46
N SER D 133 48.92 -25.78 20.57
CA SER D 133 48.25 -25.82 21.86
C SER D 133 47.99 -24.41 22.37
N THR D 134 46.93 -24.24 23.14
CA THR D 134 46.64 -22.96 23.78
C THR D 134 47.53 -22.78 25.01
N LYS D 135 48.13 -21.60 25.15
CA LYS D 135 48.89 -21.30 26.36
C LYS D 135 48.46 -19.95 26.93
N GLY D 136 48.10 -19.95 28.21
CA GLY D 136 47.74 -18.71 28.90
C GLY D 136 49.00 -17.92 29.19
N PRO D 137 48.83 -16.64 29.58
CA PRO D 137 49.98 -15.75 29.79
C PRO D 137 50.44 -15.72 31.25
N SER D 138 51.67 -15.28 31.47
CA SER D 138 52.17 -15.02 32.82
C SER D 138 52.22 -13.50 33.00
N VAL D 139 51.52 -12.98 34.00
CA VAL D 139 51.47 -11.53 34.19
C VAL D 139 52.40 -11.03 35.31
N PHE D 140 53.28 -10.10 34.94
CA PHE D 140 54.26 -9.51 35.87
C PHE D 140 54.16 -7.99 35.88
N PRO D 141 54.33 -7.37 37.06
CA PRO D 141 54.24 -5.92 37.16
C PRO D 141 55.51 -5.22 36.69
N LEU D 142 55.34 -4.07 36.05
CA LEU D 142 56.47 -3.24 35.61
C LEU D 142 56.51 -1.97 36.44
N ALA D 143 57.29 -2.00 37.52
CA ALA D 143 57.32 -0.90 38.49
C ALA D 143 58.06 0.33 37.96
N PRO D 144 57.48 1.52 38.21
CA PRO D 144 58.06 2.82 37.85
C PRO D 144 59.29 3.17 38.70
N THR D 153 56.20 13.36 35.56
CA THR D 153 55.36 12.16 35.56
C THR D 153 56.18 10.89 35.85
N ALA D 154 55.58 9.73 35.57
CA ALA D 154 56.22 8.43 35.73
C ALA D 154 55.43 7.39 34.94
N ALA D 155 56.05 6.26 34.62
CA ALA D 155 55.40 5.26 33.77
C ALA D 155 55.34 3.87 34.41
N LEU D 156 54.12 3.37 34.60
CA LEU D 156 53.91 2.03 35.18
C LEU D 156 53.13 1.13 34.24
N GLY D 157 53.37 -0.18 34.34
CA GLY D 157 52.75 -1.10 33.40
C GLY D 157 52.71 -2.58 33.76
N CYS D 158 52.15 -3.37 32.85
CA CYS D 158 52.03 -4.80 33.00
C CYS D 158 52.75 -5.52 31.88
N LEU D 159 53.39 -6.64 32.20
CA LEU D 159 53.96 -7.49 31.17
C LEU D 159 53.12 -8.75 31.01
N VAL D 160 52.61 -8.96 29.81
CA VAL D 160 51.86 -10.16 29.47
C VAL D 160 52.72 -10.99 28.54
N LYS D 161 53.25 -12.09 29.04
CA LYS D 161 54.32 -12.83 28.34
C LYS D 161 53.92 -14.27 28.04
N ASP D 162 54.42 -14.79 26.91
CA ASP D 162 54.24 -16.19 26.52
C ASP D 162 52.79 -16.68 26.50
N TYR D 163 52.04 -16.31 25.46
CA TYR D 163 50.66 -16.78 25.30
C TYR D 163 50.28 -17.07 23.84
N PHE D 164 49.17 -17.79 23.66
CA PHE D 164 48.66 -18.11 22.32
C PHE D 164 47.21 -18.59 22.40
N PRO D 165 46.38 -18.17 21.43
CA PRO D 165 46.68 -17.22 20.35
C PRO D 165 46.34 -15.80 20.77
N GLU D 166 46.42 -14.87 19.82
CA GLU D 166 45.82 -13.56 20.01
C GLU D 166 44.31 -13.74 20.15
N PRO D 167 43.61 -12.76 20.75
CA PRO D 167 44.12 -11.51 21.31
C PRO D 167 44.18 -11.55 22.83
N VAL D 168 44.64 -10.45 23.41
CA VAL D 168 44.62 -10.22 24.85
C VAL D 168 44.14 -8.78 25.09
N THR D 169 43.40 -8.57 26.18
CA THR D 169 42.91 -7.22 26.49
C THR D 169 43.30 -6.76 27.91
N VAL D 170 43.69 -5.49 28.02
CA VAL D 170 44.17 -4.96 29.28
C VAL D 170 43.45 -3.66 29.66
N SER D 171 42.67 -3.71 30.74
CA SER D 171 42.03 -2.51 31.28
C SER D 171 42.69 -2.11 32.59
N TRP D 172 42.24 -1.01 33.18
CA TRP D 172 42.87 -0.51 34.41
C TRP D 172 41.88 -0.06 35.48
N ASN D 173 42.06 -0.58 36.68
CA ASN D 173 41.15 -0.33 37.80
C ASN D 173 39.71 -0.66 37.41
N SER D 174 39.54 -1.81 36.78
CA SER D 174 38.24 -2.31 36.32
C SER D 174 37.56 -1.38 35.32
N GLY D 175 38.37 -0.74 34.46
CA GLY D 175 37.83 0.14 33.44
C GLY D 175 37.86 1.62 33.81
N ALA D 176 38.03 1.90 35.11
CA ALA D 176 38.03 3.26 35.64
C ALA D 176 39.12 4.16 35.07
N LEU D 177 40.36 3.67 35.06
CA LEU D 177 41.48 4.44 34.50
C LEU D 177 41.55 4.27 32.99
N THR D 178 41.43 5.38 32.27
CA THR D 178 41.39 5.34 30.82
C THR D 178 42.39 6.31 30.18
N SER D 179 42.66 7.42 30.86
CA SER D 179 43.58 8.44 30.34
C SER D 179 45.03 8.11 30.69
N GLY D 180 45.89 8.12 29.68
CA GLY D 180 47.30 7.78 29.86
C GLY D 180 47.62 6.35 29.43
N VAL D 181 46.57 5.57 29.20
CA VAL D 181 46.72 4.16 28.86
C VAL D 181 47.19 3.94 27.43
N HIS D 182 48.23 3.14 27.28
CA HIS D 182 48.71 2.73 25.97
C HIS D 182 49.11 1.26 25.99
N THR D 183 48.24 0.39 25.50
CA THR D 183 48.61 -1.01 25.35
C THR D 183 49.34 -1.15 24.02
N PHE D 184 50.34 -2.01 23.96
CA PHE D 184 51.16 -2.11 22.77
C PHE D 184 50.81 -3.34 21.93
N PRO D 185 50.84 -3.19 20.60
CA PRO D 185 50.71 -4.33 19.70
C PRO D 185 51.73 -5.38 20.09
N ALA D 186 51.31 -6.64 20.08
CA ALA D 186 52.11 -7.75 20.58
C ALA D 186 53.34 -8.06 19.74
N VAL D 187 54.12 -9.03 20.21
CA VAL D 187 55.30 -9.49 19.49
C VAL D 187 55.12 -10.97 19.13
N LEU D 188 55.69 -11.38 18.00
CA LEU D 188 55.67 -12.78 17.61
C LEU D 188 57.06 -13.39 17.73
N GLN D 189 57.31 -14.00 18.88
CA GLN D 189 58.59 -14.67 19.13
C GLN D 189 58.82 -15.79 18.13
N SER D 190 60.05 -16.29 18.10
CA SER D 190 60.40 -17.43 17.26
C SER D 190 59.68 -18.66 17.77
N SER D 191 59.47 -18.71 19.09
CA SER D 191 58.87 -19.86 19.74
C SER D 191 57.39 -20.05 19.40
N GLY D 192 56.85 -19.12 18.61
CA GLY D 192 55.44 -19.18 18.23
C GLY D 192 54.54 -18.44 19.21
N LEU D 193 55.07 -18.19 20.41
CA LEU D 193 54.31 -17.50 21.45
C LEU D 193 54.28 -15.99 21.23
N TYR D 194 53.32 -15.33 21.87
CA TYR D 194 53.22 -13.89 21.80
C TYR D 194 53.68 -13.26 23.11
N SER D 195 53.66 -11.93 23.16
CA SER D 195 53.83 -11.16 24.38
C SER D 195 53.40 -9.72 24.10
N LEU D 196 52.83 -9.05 25.10
CA LEU D 196 52.55 -7.61 24.99
C LEU D 196 52.72 -6.86 26.31
N SER D 197 52.59 -5.54 26.25
CA SER D 197 52.76 -4.72 27.43
C SER D 197 51.76 -3.58 27.38
N SER D 198 51.25 -3.18 28.55
CA SER D 198 50.35 -2.05 28.64
C SER D 198 50.92 -1.04 29.63
N VAL D 199 50.94 0.24 29.25
CA VAL D 199 51.53 1.27 30.09
C VAL D 199 50.55 2.39 30.44
N VAL D 200 50.58 2.82 31.70
CA VAL D 200 49.85 4.01 32.11
C VAL D 200 50.83 5.08 32.58
N THR D 201 50.68 6.28 32.02
CA THR D 201 51.45 7.43 32.45
C THR D 201 50.57 8.23 33.40
N VAL D 202 51.11 8.56 34.57
CA VAL D 202 50.39 9.24 35.63
C VAL D 202 51.27 10.33 36.23
N PRO D 203 50.68 11.25 37.02
CA PRO D 203 51.54 12.15 37.81
C PRO D 203 52.41 11.37 38.79
N SER D 204 53.67 11.78 38.93
CA SER D 204 54.64 11.05 39.76
C SER D 204 54.47 11.27 41.27
N SER D 205 53.57 12.17 41.64
CA SER D 205 53.32 12.47 43.05
C SER D 205 52.25 11.54 43.63
N SER D 206 51.28 11.17 42.80
CA SER D 206 50.19 10.29 43.22
C SER D 206 50.56 8.81 43.09
N LEU D 207 51.85 8.52 43.19
CA LEU D 207 52.36 7.16 43.21
C LEU D 207 52.21 6.57 44.62
N GLY D 208 52.52 7.38 45.62
CA GLY D 208 52.56 6.94 47.00
C GLY D 208 51.23 6.49 47.57
N THR D 209 50.13 6.90 46.93
CA THR D 209 48.81 6.55 47.44
C THR D 209 48.05 5.65 46.49
N GLN D 210 47.38 6.28 45.52
CA GLN D 210 46.43 5.63 44.61
C GLN D 210 46.93 4.29 44.06
N THR D 211 46.03 3.32 44.01
CA THR D 211 46.38 1.94 43.66
C THR D 211 46.12 1.63 42.18
N TYR D 212 47.09 0.99 41.54
CA TYR D 212 46.94 0.58 40.15
C TYR D 212 46.88 -0.94 40.00
N ILE D 213 45.79 -1.42 39.40
CA ILE D 213 45.60 -2.84 39.13
C ILE D 213 45.26 -3.05 37.67
N CYS D 214 46.09 -3.81 36.96
CA CYS D 214 45.81 -4.14 35.56
C CYS D 214 44.94 -5.38 35.44
N ASN D 215 43.91 -5.29 34.62
CA ASN D 215 43.04 -6.43 34.38
C ASN D 215 43.37 -7.10 33.06
N VAL D 216 44.20 -8.13 33.11
CA VAL D 216 44.62 -8.85 31.92
C VAL D 216 43.66 -9.99 31.59
N ASN D 217 43.16 -9.99 30.37
CA ASN D 217 42.15 -10.95 29.94
C ASN D 217 42.56 -11.76 28.71
N HIS D 218 42.47 -13.07 28.81
CA HIS D 218 42.78 -13.95 27.67
C HIS D 218 41.75 -15.07 27.56
N LYS D 219 40.73 -14.85 26.74
CA LYS D 219 39.62 -15.80 26.62
C LYS D 219 39.91 -17.17 25.99
N PRO D 220 40.83 -17.26 25.01
CA PRO D 220 41.04 -18.59 24.40
C PRO D 220 41.59 -19.65 25.35
N SER D 221 42.17 -19.23 26.48
CA SER D 221 42.64 -20.17 27.48
C SER D 221 41.87 -19.98 28.78
N ASN D 222 40.81 -19.16 28.70
CA ASN D 222 39.96 -18.84 29.84
C ASN D 222 40.78 -18.37 31.04
N THR D 223 41.60 -17.35 30.81
CA THR D 223 42.52 -16.86 31.83
C THR D 223 42.27 -15.39 32.16
N LYS D 224 41.59 -15.15 33.28
CA LYS D 224 41.53 -13.80 33.84
C LYS D 224 42.58 -13.65 34.95
N VAL D 225 43.38 -12.59 34.86
CA VAL D 225 44.39 -12.30 35.88
C VAL D 225 44.43 -10.81 36.21
N ASP D 226 44.28 -10.48 37.49
CA ASP D 226 44.41 -9.10 37.95
C ASP D 226 45.73 -8.96 38.70
N LYS D 227 46.53 -7.97 38.33
CA LYS D 227 47.84 -7.80 38.96
C LYS D 227 48.05 -6.39 39.48
N ARG D 228 48.58 -6.31 40.70
CA ARG D 228 48.78 -5.04 41.38
C ARG D 228 50.17 -4.46 41.08
N VAL D 229 50.21 -3.17 40.77
CA VAL D 229 51.47 -2.52 40.41
C VAL D 229 51.87 -1.47 41.43
N GLU D 230 52.94 -1.74 42.17
CA GLU D 230 53.49 -0.80 43.15
C GLU D 230 54.98 -0.55 42.89
N PRO D 231 55.51 0.59 43.35
CA PRO D 231 56.96 0.85 43.26
C PRO D 231 57.79 -0.01 44.21
C1 NAG E . -50.97 15.02 -32.02
C2 NAG E . -51.01 16.47 -32.49
C3 NAG E . -50.76 17.54 -31.41
C4 NAG E . -50.89 17.11 -29.94
C5 NAG E . -51.00 15.60 -29.65
C6 NAG E . -51.84 15.31 -28.38
C7 NAG E . -50.46 17.20 -34.72
C8 NAG E . -49.44 17.30 -35.82
N2 NAG E . -50.05 16.68 -33.56
O3 NAG E . -51.68 18.59 -31.68
O4 NAG E . -49.79 17.66 -29.22
O5 NAG E . -51.53 14.83 -30.73
O6 NAG E . -53.20 15.75 -28.46
O7 NAG E . -51.65 17.58 -34.86
C1 NAG E . -50.18 18.74 -28.33
C2 NAG E . -49.09 18.86 -27.25
C3 NAG E . -49.14 20.18 -26.45
C4 NAG E . -49.40 21.39 -27.36
C5 NAG E . -50.69 21.11 -28.15
C6 NAG E . -51.20 22.35 -28.91
C7 NAG E . -48.35 16.68 -26.41
C8 NAG E . -48.76 15.39 -25.72
N2 NAG E . -49.20 17.71 -26.35
O3 NAG E . -47.92 20.39 -25.78
O4 NAG E . -49.51 22.58 -26.60
O5 NAG E . -50.48 19.98 -28.99
O6 NAG E . -50.45 22.64 -30.06
O7 NAG E . -47.27 16.74 -26.98
C1 NAG F . -12.59 -10.07 27.49
C2 NAG F . -12.68 -10.58 28.92
C3 NAG F . -14.03 -10.32 29.61
C4 NAG F . -14.57 -8.93 29.33
C5 NAG F . -14.47 -8.70 27.85
C6 NAG F . -15.03 -7.33 27.56
C7 NAG F . -11.28 -12.45 29.55
C8 NAG F . -11.29 -13.90 29.95
N2 NAG F . -12.38 -12.00 28.94
O3 NAG F . -13.85 -10.47 31.01
O4 NAG F . -15.94 -8.82 29.64
O5 NAG F . -13.14 -8.78 27.43
O6 NAG F . -14.31 -6.43 28.39
O7 NAG F . -10.30 -11.74 29.79
C1 NAG F . -16.21 -8.10 30.85
C2 NAG F . -17.65 -7.58 30.80
C3 NAG F . -18.04 -6.90 32.09
C4 NAG F . -17.77 -7.80 33.28
C5 NAG F . -16.35 -8.30 33.22
C6 NAG F . -16.07 -9.30 34.33
C7 NAG F . -18.40 -7.14 28.49
C8 NAG F . -18.58 -6.15 27.39
N2 NAG F . -17.86 -6.71 29.65
O3 NAG F . -19.40 -6.57 32.06
O4 NAG F . -17.93 -7.07 34.48
O5 NAG F . -16.07 -8.92 31.99
O6 NAG F . -14.70 -9.62 34.27
O7 NAG F . -18.72 -8.31 28.28
C1 BMA F . -19.23 -7.20 35.06
C2 BMA F . -19.06 -7.24 36.58
C3 BMA F . -20.35 -6.91 37.36
C4 BMA F . -21.22 -5.88 36.66
C5 BMA F . -21.36 -6.31 35.21
C6 BMA F . -22.41 -5.54 34.41
O2 BMA F . -17.98 -6.40 36.99
O3 BMA F . -20.06 -6.49 38.67
O4 BMA F . -22.50 -5.88 37.28
O5 BMA F . -20.07 -6.14 34.66
O6 BMA F . -22.06 -4.18 34.38
C1 MAN F . -20.14 -7.65 39.52
C2 MAN F . -20.58 -7.26 40.93
C3 MAN F . -19.42 -6.73 41.78
C4 MAN F . -18.16 -7.57 41.59
C5 MAN F . -17.85 -7.73 40.11
C6 MAN F . -16.55 -8.53 39.92
O2 MAN F . -21.22 -8.35 41.57
O3 MAN F . -19.79 -6.75 43.14
O4 MAN F . -17.05 -6.99 42.25
O5 MAN F . -18.95 -8.40 39.52
O6 MAN F . -16.16 -8.52 38.56
C1 MAN F . -23.15 -3.36 34.84
C2 MAN F . -23.91 -2.83 33.62
C3 MAN F . -23.00 -1.87 32.84
C4 MAN F . -22.43 -0.82 33.79
C5 MAN F . -21.72 -1.54 34.95
C6 MAN F . -20.91 -0.61 35.86
O2 MAN F . -25.10 -2.18 34.00
O3 MAN F . -23.69 -1.26 31.76
O4 MAN F . -21.54 0.04 33.10
O5 MAN F . -22.68 -2.29 35.65
O6 MAN F . -21.74 0.04 36.79
C1 NAG G . -29.20 0.13 -23.31
C2 NAG G . -29.51 0.04 -24.79
C3 NAG G . -29.80 -1.40 -25.25
C4 NAG G . -28.84 -2.43 -24.65
C5 NAG G . -28.68 -2.19 -23.15
C6 NAG G . -27.62 -3.09 -22.52
C7 NAG G . -30.58 1.97 -25.86
C8 NAG G . -31.85 2.40 -26.53
N2 NAG G . -30.66 0.88 -25.10
O3 NAG G . -29.76 -1.45 -26.66
O4 NAG G . -29.37 -3.73 -24.91
O5 NAG G . -28.28 -0.86 -22.92
O6 NAG G . -26.36 -2.44 -22.63
O7 NAG G . -29.57 2.64 -26.02
C1 NAG G . -28.63 -4.45 -25.94
C2 NAG G . -28.53 -5.92 -25.55
C3 NAG G . -27.70 -6.70 -26.58
C4 NAG G . -28.26 -6.49 -27.98
C5 NAG G . -28.37 -4.98 -28.26
C6 NAG G . -28.86 -4.67 -29.69
C7 NAG G . -28.76 -6.37 -23.17
C8 NAG G . -28.05 -6.62 -21.87
N2 NAG G . -27.98 -6.10 -24.21
O3 NAG G . -27.70 -8.07 -26.28
O4 NAG G . -27.45 -7.17 -28.92
O5 NAG G . -29.17 -4.36 -27.26
O6 NAG G . -30.26 -4.58 -29.76
O7 NAG G . -30.00 -6.42 -23.22
C1 NAG H . -7.43 5.14 -13.81
C2 NAG H . -6.79 6.53 -13.78
C3 NAG H . -5.92 6.83 -14.99
C4 NAG H . -4.94 5.70 -15.25
C5 NAG H . -5.67 4.35 -15.35
C6 NAG H . -4.67 3.21 -15.19
C7 NAG H . -7.97 8.42 -12.79
C8 NAG H . -8.89 9.57 -13.09
N2 NAG H . -7.82 7.55 -13.78
O3 NAG H . -5.19 7.99 -14.68
O4 NAG H . -4.13 6.01 -16.38
O5 NAG H . -6.58 4.12 -14.28
O6 NAG H . -4.05 3.32 -13.90
O7 NAG H . -7.41 8.32 -11.70
S SO4 I . -16.00 6.46 -18.38
O1 SO4 I . -17.20 7.20 -18.77
O2 SO4 I . -14.94 6.83 -19.32
O3 SO4 I . -15.60 6.82 -17.02
O4 SO4 I . -16.17 5.01 -18.44
S SO4 J . -21.41 17.86 -20.97
O1 SO4 J . -22.82 17.90 -20.60
O2 SO4 J . -21.31 17.99 -22.43
O3 SO4 J . -20.73 18.96 -20.29
O4 SO4 J . -20.81 16.61 -20.56
S SO4 K . -27.21 15.39 -0.30
O1 SO4 K . -28.52 14.81 -0.05
O2 SO4 K . -27.34 16.81 -0.63
O3 SO4 K . -26.37 15.23 0.89
O4 SO4 K . -26.58 14.69 -1.43
S SO4 L . -10.19 10.05 8.65
O1 SO4 L . -11.54 9.51 8.73
O2 SO4 L . -10.12 10.96 7.51
O3 SO4 L . -9.87 10.77 9.88
O4 SO4 L . -9.23 8.97 8.45
S SO4 M . -63.80 0.80 -40.00
O1 SO4 M . -65.26 0.78 -40.12
O2 SO4 M . -63.21 0.70 -41.34
O3 SO4 M . -63.40 2.03 -39.33
O4 SO4 M . -63.32 -0.34 -39.21
C1 PEG N . -49.66 4.65 -16.19
O1 PEG N . -49.10 3.69 -15.26
C2 PEG N . -51.11 4.36 -16.66
O2 PEG N . -52.12 4.69 -15.67
C3 PEG N . -53.47 4.42 -16.06
C4 PEG N . -54.35 4.09 -14.83
O4 PEG N . -55.70 4.59 -14.98
C1 NAG O . -75.96 33.96 -34.52
C2 NAG O . -76.55 34.55 -35.80
C3 NAG O . -76.78 36.05 -35.72
C4 NAG O . -77.27 36.52 -34.35
C5 NAG O . -76.55 35.78 -33.22
C6 NAG O . -77.05 36.21 -31.84
C7 NAG O . -75.90 34.36 -38.17
C8 NAG O . -74.75 34.15 -39.11
N2 NAG O . -75.61 34.28 -36.87
O3 NAG O . -77.71 36.45 -36.71
O4 NAG O . -77.05 37.92 -34.23
O5 NAG O . -76.70 34.39 -33.41
O6 NAG O . -78.41 35.84 -31.67
O7 NAG O . -77.04 34.58 -38.56
S SO4 P . -93.27 24.31 -31.12
O1 SO4 P . -93.84 25.51 -30.53
O2 SO4 P . -94.20 23.81 -32.11
O3 SO4 P . -91.99 24.62 -31.75
O4 SO4 P . -93.03 23.32 -30.06
S SO4 Q . -62.20 18.10 -48.84
O1 SO4 Q . -63.55 18.37 -49.35
O2 SO4 Q . -61.23 18.24 -49.92
O3 SO4 Q . -61.92 19.07 -47.82
O4 SO4 Q . -62.05 16.72 -48.31
S SO4 R . -65.89 24.18 -49.32
O1 SO4 R . -67.33 23.87 -49.24
O2 SO4 R . -65.52 24.62 -50.66
O3 SO4 R . -65.54 25.24 -48.36
O4 SO4 R . -65.07 23.00 -49.06
S SO4 S . 20.30 1.81 2.78
O1 SO4 S . 19.03 2.43 2.36
O2 SO4 S . 21.42 2.54 2.22
O3 SO4 S . 20.37 1.83 4.25
O4 SO4 S . 20.35 0.43 2.28
S SO4 T . 27.41 -5.25 -16.58
O1 SO4 T . 26.49 -5.96 -15.69
O2 SO4 T . 27.03 -5.53 -17.97
O3 SO4 T . 27.32 -3.80 -16.35
O4 SO4 T . 28.77 -5.70 -16.35
C1 PEG U . 42.87 -2.06 1.11
O1 PEG U . 44.13 -2.36 0.49
C2 PEG U . 42.53 -3.13 2.14
O2 PEG U . 43.40 -3.02 3.26
C3 PEG U . 43.38 -4.19 4.06
C4 PEG U . 44.09 -3.90 5.38
O4 PEG U . 43.91 -5.01 6.27
C1 PEG V . 21.27 -2.64 0.84
O1 PEG V . 21.92 -2.17 -0.36
C2 PEG V . 22.11 -2.48 2.11
O2 PEG V . 23.05 -3.55 2.35
C3 PEG V . 23.55 -3.58 3.69
C4 PEG V . 25.07 -3.80 3.69
O4 PEG V . 25.82 -2.65 3.22
S SO4 W . 10.38 -12.93 3.52
O1 SO4 W . 9.63 -11.85 4.16
O2 SO4 W . 9.97 -12.97 2.11
O3 SO4 W . 11.84 -12.70 3.62
O4 SO4 W . 10.04 -14.21 4.15
S SO4 X . 10.83 -2.68 4.94
O1 SO4 X . 9.63 -2.63 5.78
O2 SO4 X . 10.53 -2.43 3.53
O3 SO4 X . 11.80 -1.72 5.44
O4 SO4 X . 11.38 -4.02 5.05
S SO4 Y . 13.52 -13.51 -1.74
O1 SO4 Y . 12.21 -13.49 -2.38
O2 SO4 Y . 14.31 -12.41 -2.29
O3 SO4 Y . 13.37 -13.32 -0.29
O4 SO4 Y . 14.22 -14.77 -1.99
S SO4 Z . 32.00 -15.95 26.00
O1 SO4 Z . 30.60 -15.52 25.90
O2 SO4 Z . 32.37 -16.64 24.76
O3 SO4 Z . 32.85 -14.79 26.23
O4 SO4 Z . 32.15 -16.92 27.09
#